data_3E7T
#
_entry.id   3E7T
#
_cell.length_a   214.156
_cell.length_b   214.156
_cell.length_c   116.950
_cell.angle_alpha   90.000
_cell.angle_beta   90.000
_cell.angle_gamma   120.000
#
_symmetry.space_group_name_H-M   'P 61 2 2'
#
loop_
_entity.id
_entity.type
_entity.pdbx_description
1 polymer 'Nitric oxide synthase, inducible'
2 non-polymer 'SULFATE ION'
3 non-polymer 'PROTOPORPHYRIN IX CONTAINING FE'
4 non-polymer 7,8-DIHYDROBIOPTERIN
5 non-polymer "1-(6-CYANO-3-PYRIDYLCARBONYL)-5',8'-DIFLUOROSPIRO[PIPERIDINE-4,2'(1'H)-QUINAZOLINE]-4'-AMINE"
6 water water
#
_entity_poly.entity_id   1
_entity_poly.type   'polypeptide(L)'
_entity_poly.pdbx_seq_one_letter_code
;LDKLHVTSTRPQYVRIKNWGSGEILHDTLHHKATSDFTCKSKSCLGSIMNPKSLTRGPRDKPTPLEELLPHAIEFINQYY
GSFKEAKIEEHLARLEAVTKEIETTGTYQLTLDELIFATKMAWRNAPRCIGRIQWSNLQVFDARNCSTAQEMFQHICRHI
LYATNNGNIRSAITVFPQRSDGKHDFRLWNSQLIRYAGYQMPDGTIRGDAATLEFTQLCIDLGWKPRYGRFDVLPLVLQA
DGQDPEVFEIPPDLVLEVTMEHPKYEWFQELGLKWYALPAVANMLLEVGGLEFPACPFNGWYMGTEIGVRDFCDTQRYNI
LEEVGRRMGLETHTLASLWKDRAVTEINVAVLHSFQKQNVTIMDHHTASESFMKHMQNEYRARGGCPADWIWLVPPVSGS
ITPVFHQEMLNYVLSPFYYYQIEPWKTHIWQNE
;
_entity_poly.pdbx_strand_id   A,B
#
loop_
_chem_comp.id
_chem_comp.type
_chem_comp.name
_chem_comp.formula
B14 non-polymer 1-(6-CYANO-3-PYRIDYLCARBONYL)-5',8'-DIFLUOROSPIRO[PIPERIDINE-4,2'(1'H)-QUINAZOLINE]-4'-AMINE 'C19 H16 F2 N6 O'
HBI non-polymer 7,8-DIHYDROBIOPTERIN 'C9 H13 N5 O3'
HEM non-polymer 'PROTOPORPHYRIN IX CONTAINING FE' 'C34 H32 Fe N4 O4'
SO4 non-polymer 'SULFATE ION' 'O4 S -2'
#
# COMPACT_ATOMS: atom_id res chain seq x y z
N GLN A 12 0.55 30.41 -20.06
CA GLN A 12 1.71 30.55 -19.13
C GLN A 12 2.94 29.86 -19.72
N TYR A 13 2.98 28.53 -19.64
CA TYR A 13 4.08 27.76 -20.18
C TYR A 13 3.61 26.34 -20.51
N VAL A 14 4.05 25.81 -21.65
CA VAL A 14 3.65 24.46 -22.03
C VAL A 14 4.59 23.41 -21.44
N ARG A 15 3.99 22.35 -20.90
CA ARG A 15 4.74 21.27 -20.29
C ARG A 15 5.18 20.28 -21.38
N ILE A 16 6.43 19.86 -21.31
CA ILE A 16 6.99 18.94 -22.29
C ILE A 16 7.60 17.75 -21.58
N LYS A 17 7.12 16.56 -21.93
CA LYS A 17 7.65 15.35 -21.30
C LYS A 17 8.51 14.49 -22.21
N ASN A 18 9.56 13.94 -21.61
CA ASN A 18 10.44 13.04 -22.32
C ASN A 18 10.11 11.65 -21.78
N TRP A 19 9.26 10.92 -22.50
CA TRP A 19 8.83 9.60 -22.08
C TRP A 19 9.95 8.58 -21.98
N GLY A 20 11.18 9.02 -22.19
CA GLY A 20 12.32 8.11 -22.09
C GLY A 20 12.91 8.13 -20.71
N SER A 21 13.23 9.33 -20.22
CA SER A 21 13.80 9.52 -18.89
C SER A 21 12.73 10.10 -17.97
N GLY A 22 11.52 10.19 -18.51
CA GLY A 22 10.40 10.71 -17.75
C GLY A 22 10.58 12.13 -17.25
N GLU A 23 11.64 12.80 -17.70
CA GLU A 23 11.90 14.15 -17.26
C GLU A 23 10.95 15.17 -17.89
N ILE A 24 10.80 16.32 -17.26
CA ILE A 24 9.90 17.35 -17.75
C ILE A 24 10.59 18.65 -18.15
N LEU A 25 9.94 19.41 -19.02
CA LEU A 25 10.46 20.70 -19.47
C LEU A 25 9.31 21.70 -19.65
N HIS A 26 9.58 22.95 -19.29
CA HIS A 26 8.59 24.02 -19.40
C HIS A 26 8.98 24.97 -20.53
N ASP A 27 8.16 25.00 -21.57
CA ASP A 27 8.44 25.84 -22.72
C ASP A 27 7.89 27.25 -22.57
N THR A 28 8.77 28.24 -22.73
CA THR A 28 8.39 29.64 -22.63
C THR A 28 8.41 30.27 -24.02
N LEU A 29 9.53 30.08 -24.72
CA LEU A 29 9.74 30.63 -26.05
C LEU A 29 8.54 30.63 -27.01
N HIS A 30 7.79 29.55 -27.04
CA HIS A 30 6.64 29.45 -27.95
C HIS A 30 5.76 30.69 -28.00
N HIS A 31 5.87 31.55 -26.99
CA HIS A 31 5.08 32.78 -26.96
C HIS A 31 5.57 33.77 -27.99
N LYS A 32 6.87 33.76 -28.24
CA LYS A 32 7.48 34.66 -29.20
C LYS A 32 7.30 34.17 -30.63
N ALA A 33 6.34 33.28 -30.82
CA ALA A 33 6.03 32.71 -32.13
C ALA A 33 5.46 33.78 -33.07
N THR A 34 5.42 33.45 -34.36
CA THR A 34 4.92 34.37 -35.37
C THR A 34 3.45 34.13 -35.67
N SER A 35 3.19 33.27 -36.66
CA SER A 35 1.83 32.94 -37.08
C SER A 35 1.30 31.71 -36.33
N SER A 43 2.28 26.97 -33.12
CA SER A 43 2.80 25.96 -32.15
C SER A 43 2.06 24.63 -32.32
N CYS A 44 2.66 23.70 -33.07
CA CYS A 44 2.05 22.40 -33.33
C CYS A 44 2.16 21.40 -32.16
N LEU A 45 1.03 20.78 -31.82
CA LEU A 45 0.91 19.79 -30.74
C LEU A 45 0.98 18.36 -31.31
N GLY A 46 1.48 18.22 -32.53
CA GLY A 46 1.57 16.91 -33.16
C GLY A 46 2.44 15.89 -32.43
N SER A 47 3.62 16.31 -31.99
CA SER A 47 4.55 15.44 -31.28
C SER A 47 4.14 15.17 -29.82
N ILE A 48 2.88 15.44 -29.48
CA ILE A 48 2.38 15.21 -28.14
C ILE A 48 1.63 13.88 -28.04
N MET A 49 2.10 13.04 -27.13
CA MET A 49 1.51 11.72 -26.92
C MET A 49 0.01 11.75 -26.59
N ASN A 50 -0.34 12.40 -25.48
CA ASN A 50 -1.74 12.48 -25.03
C ASN A 50 -2.35 13.87 -25.02
N PRO A 51 -2.83 14.36 -26.17
CA PRO A 51 -3.45 15.70 -26.20
C PRO A 51 -4.92 15.66 -25.75
N LYS A 52 -5.38 16.74 -25.11
CA LYS A 52 -6.75 16.84 -24.63
C LYS A 52 -7.77 16.73 -25.75
N SER A 53 -7.36 17.12 -26.95
CA SER A 53 -8.23 17.06 -28.13
C SER A 53 -8.57 15.62 -28.47
N LEU A 54 -7.74 14.70 -27.96
CA LEU A 54 -7.91 13.28 -28.20
C LEU A 54 -8.50 12.56 -26.98
N THR A 55 -8.46 13.22 -25.82
CA THR A 55 -9.00 12.65 -24.59
C THR A 55 -10.47 13.06 -24.37
N ARG A 56 -11.26 12.13 -23.83
CA ARG A 56 -12.67 12.38 -23.53
C ARG A 56 -12.88 12.01 -22.06
N GLY A 57 -12.94 13.03 -21.21
CA GLY A 57 -13.09 12.81 -19.78
C GLY A 57 -14.46 12.46 -19.21
N PRO A 58 -14.62 12.56 -17.87
CA PRO A 58 -15.81 12.26 -17.07
C PRO A 58 -17.07 13.12 -17.28
N ARG A 59 -18.10 12.78 -16.50
CA ARG A 59 -19.40 13.46 -16.50
C ARG A 59 -19.92 13.52 -15.07
N ASP A 60 -21.02 14.25 -14.88
CA ASP A 60 -21.67 14.40 -13.58
C ASP A 60 -23.15 14.40 -13.85
N LYS A 61 -23.52 14.83 -15.04
CA LYS A 61 -24.91 14.90 -15.44
C LYS A 61 -24.99 14.31 -16.83
N PRO A 62 -26.17 13.85 -17.23
CA PRO A 62 -26.36 13.26 -18.56
C PRO A 62 -25.97 14.23 -19.65
N THR A 63 -26.08 13.78 -20.90
CA THR A 63 -25.73 14.61 -22.04
C THR A 63 -26.87 15.54 -22.45
N PRO A 64 -26.70 16.86 -22.22
CA PRO A 64 -27.71 17.87 -22.57
C PRO A 64 -28.43 17.56 -23.87
N LEU A 65 -29.73 17.32 -23.77
CA LEU A 65 -30.58 16.99 -24.91
C LEU A 65 -30.28 17.77 -26.18
N GLU A 66 -30.04 19.08 -26.03
CA GLU A 66 -29.75 19.94 -27.17
C GLU A 66 -28.56 19.45 -27.98
N GLU A 67 -27.59 18.85 -27.30
CA GLU A 67 -26.40 18.34 -27.96
C GLU A 67 -26.62 16.91 -28.47
N LEU A 68 -27.08 16.03 -27.58
CA LEU A 68 -27.29 14.63 -27.94
C LEU A 68 -28.17 14.44 -29.17
N LEU A 69 -29.34 15.08 -29.18
CA LEU A 69 -30.26 14.93 -30.28
C LEU A 69 -29.64 15.10 -31.67
N PRO A 70 -28.94 16.22 -31.90
CA PRO A 70 -28.32 16.44 -33.22
C PRO A 70 -27.32 15.33 -33.55
N HIS A 71 -26.40 15.06 -32.64
CA HIS A 71 -25.39 14.02 -32.84
C HIS A 71 -26.07 12.70 -33.21
N ALA A 72 -27.07 12.34 -32.43
CA ALA A 72 -27.84 11.12 -32.65
C ALA A 72 -28.43 11.06 -34.05
N ILE A 73 -28.98 12.18 -34.52
CA ILE A 73 -29.56 12.23 -35.86
C ILE A 73 -28.47 12.02 -36.90
N GLU A 74 -27.35 12.72 -36.70
CA GLU A 74 -26.22 12.64 -37.63
C GLU A 74 -25.76 11.20 -37.81
N PHE A 75 -25.57 10.50 -36.69
CA PHE A 75 -25.14 9.11 -36.73
C PHE A 75 -26.15 8.23 -37.46
N ILE A 76 -27.43 8.44 -37.21
CA ILE A 76 -28.46 7.64 -37.86
C ILE A 76 -28.54 7.89 -39.36
N ASN A 77 -28.05 9.04 -39.80
CA ASN A 77 -28.05 9.36 -41.24
C ASN A 77 -26.84 8.69 -41.86
N GLN A 78 -25.74 8.70 -41.12
CA GLN A 78 -24.49 8.06 -41.54
C GLN A 78 -24.79 6.58 -41.69
N TYR A 79 -25.32 5.98 -40.63
CA TYR A 79 -25.65 4.57 -40.63
C TYR A 79 -26.54 4.16 -41.80
N TYR A 80 -27.68 4.82 -41.93
CA TYR A 80 -28.61 4.50 -43.02
C TYR A 80 -28.07 4.93 -44.37
N GLY A 81 -27.25 5.98 -44.36
CA GLY A 81 -26.66 6.44 -45.61
C GLY A 81 -25.41 5.62 -45.85
N SER A 82 -25.44 4.37 -45.40
CA SER A 82 -24.30 3.48 -45.54
C SER A 82 -24.51 2.36 -46.55
N PHE A 83 -25.61 1.65 -46.42
CA PHE A 83 -25.89 0.53 -47.31
C PHE A 83 -26.27 0.97 -48.72
N LYS A 84 -25.91 0.15 -49.71
CA LYS A 84 -26.26 0.42 -51.10
C LYS A 84 -27.78 0.35 -51.14
N GLU A 85 -28.39 1.13 -52.03
CA GLU A 85 -29.85 1.18 -52.13
C GLU A 85 -30.45 1.20 -50.72
N ALA A 86 -30.47 2.41 -50.14
CA ALA A 86 -30.97 2.63 -48.79
C ALA A 86 -32.38 2.11 -48.55
N LYS A 87 -32.87 2.40 -47.35
CA LYS A 87 -34.20 1.99 -46.91
C LYS A 87 -34.81 3.21 -46.21
N ILE A 88 -35.23 4.17 -47.03
CA ILE A 88 -35.81 5.43 -46.58
C ILE A 88 -36.88 5.29 -45.49
N GLU A 89 -37.79 4.33 -45.68
CA GLU A 89 -38.85 4.09 -44.71
C GLU A 89 -38.26 3.79 -43.34
N GLU A 90 -37.40 2.79 -43.27
CA GLU A 90 -36.74 2.42 -42.02
C GLU A 90 -35.95 3.59 -41.45
N HIS A 91 -35.28 4.32 -42.33
CA HIS A 91 -34.48 5.47 -41.95
C HIS A 91 -35.33 6.51 -41.22
N LEU A 92 -36.43 6.91 -41.85
CA LEU A 92 -37.35 7.88 -41.25
C LEU A 92 -37.85 7.31 -39.94
N ALA A 93 -38.43 6.12 -40.02
CA ALA A 93 -38.95 5.45 -38.84
C ALA A 93 -37.92 5.47 -37.72
N ARG A 94 -36.70 5.05 -38.04
CA ARG A 94 -35.62 5.01 -37.06
C ARG A 94 -35.38 6.39 -36.48
N LEU A 95 -35.20 7.38 -37.36
CA LEU A 95 -34.98 8.77 -36.93
C LEU A 95 -36.11 9.13 -35.98
N GLU A 96 -37.32 8.84 -36.44
CA GLU A 96 -38.54 9.09 -35.69
C GLU A 96 -38.44 8.42 -34.33
N ALA A 97 -38.24 7.10 -34.35
CA ALA A 97 -38.16 6.29 -33.14
C ALA A 97 -37.11 6.74 -32.13
N VAL A 98 -35.96 7.19 -32.63
CA VAL A 98 -34.85 7.62 -31.78
C VAL A 98 -35.14 8.90 -31.01
N THR A 99 -35.47 9.96 -31.75
CA THR A 99 -35.78 11.26 -31.16
C THR A 99 -36.85 11.03 -30.10
N LYS A 100 -37.82 10.20 -30.47
CA LYS A 100 -38.94 9.83 -29.61
C LYS A 100 -38.40 9.21 -28.32
N GLU A 101 -37.51 8.24 -28.47
CA GLU A 101 -36.91 7.55 -27.34
C GLU A 101 -36.04 8.51 -26.52
N ILE A 102 -35.49 9.52 -27.19
CA ILE A 102 -34.63 10.48 -26.52
C ILE A 102 -35.40 11.40 -25.59
N GLU A 103 -36.48 12.00 -26.08
CA GLU A 103 -37.27 12.91 -25.25
C GLU A 103 -38.05 12.16 -24.16
N THR A 104 -38.09 10.83 -24.28
CA THR A 104 -38.79 10.01 -23.30
C THR A 104 -37.86 9.48 -22.21
N THR A 105 -36.58 9.30 -22.52
CA THR A 105 -35.63 8.76 -21.55
C THR A 105 -34.43 9.68 -21.32
N GLY A 106 -34.10 10.47 -22.33
CA GLY A 106 -32.96 11.36 -22.25
C GLY A 106 -31.93 10.81 -23.22
N THR A 107 -31.51 9.58 -22.96
CA THR A 107 -30.52 8.93 -23.82
C THR A 107 -31.27 7.99 -24.77
N TYR A 108 -30.56 7.07 -25.41
CA TYR A 108 -31.17 6.11 -26.31
C TYR A 108 -30.31 4.86 -26.52
N GLN A 109 -30.92 3.84 -27.11
CA GLN A 109 -30.25 2.58 -27.35
C GLN A 109 -30.01 2.29 -28.82
N LEU A 110 -28.76 1.99 -29.15
CA LEU A 110 -28.41 1.67 -30.52
C LEU A 110 -28.80 0.24 -30.81
N THR A 111 -29.18 -0.03 -32.06
CA THR A 111 -29.56 -1.38 -32.46
C THR A 111 -28.24 -2.09 -32.71
N LEU A 112 -28.19 -3.40 -32.41
CA LEU A 112 -26.97 -4.17 -32.59
C LEU A 112 -26.22 -3.80 -33.86
N ASP A 113 -26.95 -3.70 -34.97
CA ASP A 113 -26.33 -3.35 -36.24
C ASP A 113 -25.68 -1.98 -36.24
N GLU A 114 -26.25 -1.05 -35.49
CA GLU A 114 -25.70 0.29 -35.43
C GLU A 114 -24.39 0.25 -34.63
N LEU A 115 -24.39 -0.56 -33.56
CA LEU A 115 -23.20 -0.71 -32.73
C LEU A 115 -22.09 -1.29 -33.61
N ILE A 116 -22.39 -2.40 -34.28
CA ILE A 116 -21.41 -3.04 -35.14
C ILE A 116 -20.88 -2.03 -36.14
N PHE A 117 -21.80 -1.31 -36.78
CA PHE A 117 -21.40 -0.29 -37.74
C PHE A 117 -20.49 0.72 -37.02
N ALA A 118 -20.91 1.13 -35.83
CA ALA A 118 -20.18 2.10 -35.04
C ALA A 118 -18.77 1.64 -34.68
N THR A 119 -18.64 0.41 -34.19
CA THR A 119 -17.33 -0.11 -33.79
C THR A 119 -16.36 -0.17 -34.97
N LYS A 120 -16.84 -0.61 -36.13
CA LYS A 120 -15.97 -0.66 -37.30
C LYS A 120 -15.58 0.74 -37.80
N MET A 121 -16.56 1.63 -37.92
CA MET A 121 -16.29 3.00 -38.37
C MET A 121 -15.34 3.72 -37.42
N ALA A 122 -15.55 3.55 -36.13
CA ALA A 122 -14.68 4.18 -35.15
C ALA A 122 -13.26 3.67 -35.40
N TRP A 123 -13.13 2.36 -35.61
CA TRP A 123 -11.83 1.74 -35.87
C TRP A 123 -11.29 2.38 -37.15
N ARG A 124 -12.14 2.35 -38.17
CA ARG A 124 -11.83 2.92 -39.47
C ARG A 124 -11.29 4.35 -39.32
N ASN A 125 -11.77 5.07 -38.30
CA ASN A 125 -11.37 6.44 -38.05
C ASN A 125 -10.25 6.59 -37.01
N ALA A 126 -9.57 5.48 -36.67
CA ALA A 126 -8.49 5.58 -35.71
C ALA A 126 -7.24 6.01 -36.49
N PRO A 127 -6.89 7.31 -36.42
CA PRO A 127 -5.73 7.83 -37.14
C PRO A 127 -4.40 7.20 -36.77
N ARG A 128 -4.35 6.55 -35.61
CA ARG A 128 -3.11 5.93 -35.16
C ARG A 128 -3.03 4.39 -35.36
N CYS A 129 -3.94 3.84 -36.16
CA CYS A 129 -3.94 2.40 -36.41
C CYS A 129 -3.42 2.00 -37.78
N ILE A 130 -2.26 1.34 -37.79
CA ILE A 130 -1.62 0.87 -39.00
C ILE A 130 -2.40 -0.26 -39.68
N GLY A 131 -3.23 -0.97 -38.90
CA GLY A 131 -3.96 -2.10 -39.45
C GLY A 131 -5.38 -1.91 -39.92
N ARG A 132 -5.79 -0.67 -40.15
CA ARG A 132 -7.18 -0.40 -40.56
C ARG A 132 -7.65 -1.09 -41.85
N ILE A 133 -6.76 -1.77 -42.55
CA ILE A 133 -7.21 -2.43 -43.76
C ILE A 133 -8.16 -3.56 -43.39
N GLN A 134 -8.05 -4.02 -42.15
CA GLN A 134 -8.89 -5.10 -41.61
C GLN A 134 -10.22 -4.59 -41.06
N TRP A 135 -10.36 -3.26 -40.95
CA TRP A 135 -11.55 -2.62 -40.36
C TRP A 135 -12.91 -3.32 -40.50
N SER A 136 -13.15 -4.00 -41.61
CA SER A 136 -14.44 -4.69 -41.77
C SER A 136 -14.50 -6.02 -41.02
N ASN A 137 -13.35 -6.64 -40.76
CA ASN A 137 -13.30 -7.92 -40.05
C ASN A 137 -13.22 -7.67 -38.54
N LEU A 138 -14.37 -7.71 -37.89
CA LEU A 138 -14.40 -7.46 -36.46
C LEU A 138 -15.55 -8.11 -35.71
N GLN A 139 -15.21 -8.91 -34.71
CA GLN A 139 -16.19 -9.58 -33.88
C GLN A 139 -16.62 -8.58 -32.81
N VAL A 140 -17.94 -8.44 -32.66
CA VAL A 140 -18.48 -7.50 -31.69
C VAL A 140 -19.28 -8.23 -30.62
N PHE A 141 -18.79 -8.19 -29.40
CA PHE A 141 -19.50 -8.83 -28.29
C PHE A 141 -20.34 -7.77 -27.55
N ASP A 142 -21.66 -8.01 -27.57
CA ASP A 142 -22.63 -7.10 -26.95
C ASP A 142 -22.79 -7.37 -25.45
N ALA A 143 -22.08 -6.60 -24.62
CA ALA A 143 -22.21 -6.79 -23.18
C ALA A 143 -22.91 -5.59 -22.54
N ARG A 144 -23.71 -4.89 -23.36
CA ARG A 144 -24.43 -3.71 -22.90
C ARG A 144 -25.41 -3.99 -21.77
N ASN A 145 -25.70 -5.27 -21.55
CA ASN A 145 -26.59 -5.69 -20.49
C ASN A 145 -25.81 -6.08 -19.22
N CYS A 146 -24.48 -6.03 -19.30
CA CYS A 146 -23.66 -6.41 -18.14
C CYS A 146 -24.02 -5.53 -16.94
N SER A 147 -23.84 -6.05 -15.73
CA SER A 147 -24.17 -5.26 -14.55
C SER A 147 -23.26 -5.40 -13.34
N THR A 148 -22.44 -6.44 -13.29
CA THR A 148 -21.52 -6.62 -12.15
C THR A 148 -20.08 -6.83 -12.59
N ALA A 149 -19.16 -6.69 -11.66
CA ALA A 149 -17.75 -6.87 -11.98
C ALA A 149 -17.48 -8.32 -12.41
N GLN A 150 -18.16 -9.27 -11.77
CA GLN A 150 -17.97 -10.69 -12.10
C GLN A 150 -18.41 -10.96 -13.53
N GLU A 151 -19.47 -10.28 -13.97
CA GLU A 151 -19.95 -10.48 -15.33
C GLU A 151 -18.96 -9.85 -16.31
N MET A 152 -18.34 -8.74 -15.92
CA MET A 152 -17.35 -8.10 -16.78
C MET A 152 -16.22 -9.10 -16.97
N PHE A 153 -15.75 -9.63 -15.85
CA PHE A 153 -14.67 -10.59 -15.82
C PHE A 153 -15.00 -11.76 -16.73
N GLN A 154 -16.24 -12.20 -16.69
CA GLN A 154 -16.66 -13.32 -17.54
C GLN A 154 -16.64 -12.93 -19.02
N HIS A 155 -17.16 -11.75 -19.34
CA HIS A 155 -17.18 -11.28 -20.73
C HIS A 155 -15.75 -11.11 -21.26
N ILE A 156 -14.87 -10.58 -20.41
CA ILE A 156 -13.50 -10.35 -20.81
C ILE A 156 -12.84 -11.70 -21.11
N CYS A 157 -12.97 -12.65 -20.19
CA CYS A 157 -12.41 -13.97 -20.42
C CYS A 157 -12.87 -14.53 -21.77
N ARG A 158 -14.17 -14.43 -22.06
CA ARG A 158 -14.71 -14.89 -23.33
C ARG A 158 -13.99 -14.21 -24.50
N HIS A 159 -13.78 -12.92 -24.36
CA HIS A 159 -13.14 -12.10 -25.37
C HIS A 159 -11.71 -12.60 -25.58
N ILE A 160 -10.96 -12.73 -24.49
CA ILE A 160 -9.59 -13.20 -24.54
C ILE A 160 -9.47 -14.58 -25.22
N LEU A 161 -10.40 -15.46 -24.90
CA LEU A 161 -10.42 -16.80 -25.45
C LEU A 161 -10.73 -16.78 -26.94
N TYR A 162 -11.76 -16.03 -27.33
CA TYR A 162 -12.16 -15.92 -28.73
C TYR A 162 -11.07 -15.31 -29.60
N ALA A 163 -10.53 -14.19 -29.16
CA ALA A 163 -9.49 -13.47 -29.89
C ALA A 163 -8.18 -14.23 -30.00
N THR A 164 -7.80 -14.93 -28.93
CA THR A 164 -6.54 -15.67 -28.92
C THR A 164 -6.61 -16.81 -29.92
N ASN A 165 -7.72 -17.55 -29.84
CA ASN A 165 -7.99 -18.65 -30.75
C ASN A 165 -6.79 -19.58 -30.96
N ASN A 166 -6.07 -19.86 -29.88
CA ASN A 166 -4.93 -20.75 -29.95
C ASN A 166 -3.83 -20.28 -30.91
N GLY A 167 -3.62 -18.97 -31.00
CA GLY A 167 -2.58 -18.46 -31.90
C GLY A 167 -3.08 -17.76 -33.13
N ASN A 168 -4.15 -18.27 -33.74
CA ASN A 168 -4.73 -17.64 -34.93
C ASN A 168 -5.58 -16.45 -34.45
N ILE A 169 -4.91 -15.36 -34.09
CA ILE A 169 -5.57 -14.18 -33.55
C ILE A 169 -6.73 -13.60 -34.36
N ARG A 170 -7.80 -13.25 -33.66
CA ARG A 170 -8.97 -12.67 -34.28
C ARG A 170 -9.27 -11.32 -33.62
N SER A 171 -9.56 -10.32 -34.45
CA SER A 171 -9.86 -8.99 -33.96
C SER A 171 -11.23 -9.02 -33.34
N ALA A 172 -11.33 -8.45 -32.13
CA ALA A 172 -12.61 -8.42 -31.44
C ALA A 172 -12.73 -7.26 -30.46
N ILE A 173 -13.97 -6.85 -30.22
CA ILE A 173 -14.25 -5.80 -29.25
C ILE A 173 -15.50 -6.19 -28.44
N THR A 174 -15.47 -5.88 -27.15
CA THR A 174 -16.62 -6.17 -26.31
C THR A 174 -17.08 -4.85 -25.69
N VAL A 175 -18.31 -4.46 -26.05
CA VAL A 175 -18.92 -3.23 -25.62
C VAL A 175 -19.83 -3.40 -24.40
N PHE A 176 -19.38 -2.83 -23.27
CA PHE A 176 -20.12 -2.86 -22.03
C PHE A 176 -21.16 -1.72 -22.03
N PRO A 177 -21.94 -1.56 -20.94
CA PRO A 177 -22.97 -0.51 -20.84
C PRO A 177 -22.51 0.93 -21.10
N GLN A 178 -23.32 1.68 -21.85
CA GLN A 178 -22.97 3.06 -22.17
C GLN A 178 -23.01 3.97 -20.96
N ARG A 179 -22.37 5.13 -21.08
CA ARG A 179 -22.38 6.10 -19.98
C ARG A 179 -23.78 6.67 -19.90
N SER A 180 -24.36 6.63 -18.70
CA SER A 180 -25.73 7.13 -18.49
C SER A 180 -25.75 8.54 -17.92
N ASP A 181 -25.48 8.64 -16.62
CA ASP A 181 -25.47 9.91 -15.93
C ASP A 181 -24.07 10.48 -15.96
N GLY A 182 -23.10 9.62 -15.67
CA GLY A 182 -21.71 10.03 -15.65
C GLY A 182 -21.07 9.53 -14.37
N LYS A 183 -21.90 9.06 -13.44
CA LYS A 183 -21.39 8.54 -12.18
C LYS A 183 -21.71 7.04 -12.07
N HIS A 184 -22.06 6.45 -13.20
CA HIS A 184 -22.36 5.03 -13.31
C HIS A 184 -21.59 4.49 -14.53
N ASP A 185 -20.29 4.72 -14.52
CA ASP A 185 -19.40 4.29 -15.60
C ASP A 185 -18.73 2.93 -15.38
N PHE A 186 -18.75 2.10 -16.42
CA PHE A 186 -18.07 0.81 -16.39
C PHE A 186 -16.67 1.15 -16.91
N ARG A 187 -15.64 0.71 -16.20
CA ARG A 187 -14.28 1.03 -16.61
C ARG A 187 -13.26 -0.06 -16.31
N LEU A 188 -12.35 -0.31 -17.25
CA LEU A 188 -11.28 -1.27 -17.03
C LEU A 188 -10.12 -0.35 -16.62
N TRP A 189 -9.52 -0.65 -15.48
CA TRP A 189 -8.42 0.17 -15.00
C TRP A 189 -7.09 -0.17 -15.67
N ASN A 190 -7.02 -1.36 -16.25
CA ASN A 190 -5.80 -1.82 -16.93
C ASN A 190 -5.66 -1.05 -18.25
N SER A 191 -4.43 -0.88 -18.71
CA SER A 191 -4.17 -0.19 -19.96
C SER A 191 -4.54 -1.12 -21.10
N GLN A 192 -4.19 -2.39 -20.92
CA GLN A 192 -4.48 -3.43 -21.90
C GLN A 192 -4.87 -4.72 -21.18
N LEU A 193 -5.61 -5.58 -21.87
CA LEU A 193 -6.05 -6.84 -21.28
C LEU A 193 -4.91 -7.67 -20.68
N ILE A 194 -3.90 -8.00 -21.48
CA ILE A 194 -2.77 -8.78 -20.98
C ILE A 194 -1.57 -7.84 -20.95
N ARG A 195 -0.83 -7.90 -19.85
CA ARG A 195 0.30 -7.01 -19.65
C ARG A 195 1.04 -7.44 -18.40
N TYR A 196 2.36 -7.54 -18.50
CA TYR A 196 3.20 -7.96 -17.39
C TYR A 196 3.35 -6.91 -16.29
N ALA A 197 3.60 -7.40 -15.08
CA ALA A 197 3.76 -6.56 -13.90
C ALA A 197 5.20 -6.11 -13.70
N GLY A 198 5.36 -4.99 -13.01
CA GLY A 198 6.69 -4.47 -12.72
C GLY A 198 6.84 -4.24 -11.23
N TYR A 199 7.90 -4.79 -10.64
CA TYR A 199 8.11 -4.61 -9.20
C TYR A 199 9.43 -3.93 -8.89
N GLN A 200 9.40 -3.10 -7.86
CA GLN A 200 10.60 -2.43 -7.37
C GLN A 200 11.18 -3.43 -6.36
N MET A 201 12.33 -4.01 -6.68
CA MET A 201 12.94 -4.99 -5.80
C MET A 201 13.70 -4.37 -4.62
N PRO A 202 13.97 -5.18 -3.58
CA PRO A 202 14.68 -4.72 -2.40
C PRO A 202 16.13 -4.31 -2.67
N ASP A 203 16.77 -4.95 -3.64
CA ASP A 203 18.15 -4.60 -3.97
C ASP A 203 18.25 -3.37 -4.86
N GLY A 204 17.13 -2.66 -4.99
CA GLY A 204 17.11 -1.45 -5.80
C GLY A 204 16.78 -1.63 -7.26
N THR A 205 16.86 -2.86 -7.75
CA THR A 205 16.57 -3.14 -9.15
C THR A 205 15.06 -3.24 -9.39
N ILE A 206 14.66 -3.20 -10.65
CA ILE A 206 13.25 -3.30 -11.01
C ILE A 206 13.04 -4.55 -11.87
N ARG A 207 12.21 -5.47 -11.42
CA ARG A 207 11.97 -6.70 -12.19
C ARG A 207 10.69 -6.63 -12.99
N GLY A 208 10.72 -7.23 -14.18
CA GLY A 208 9.56 -7.23 -15.05
C GLY A 208 9.44 -5.96 -15.88
N ASP A 209 8.21 -5.53 -16.12
CA ASP A 209 7.95 -4.34 -16.92
C ASP A 209 7.90 -3.07 -16.07
N ALA A 210 9.00 -2.33 -16.09
CA ALA A 210 9.10 -1.10 -15.34
C ALA A 210 7.97 -0.12 -15.67
N ALA A 211 7.40 -0.25 -16.86
CA ALA A 211 6.33 0.64 -17.30
C ALA A 211 5.02 0.40 -16.55
N THR A 212 4.99 -0.58 -15.65
CA THR A 212 3.76 -0.83 -14.90
C THR A 212 3.98 -0.83 -13.39
N LEU A 213 5.10 -0.26 -12.95
CA LEU A 213 5.44 -0.19 -11.52
C LEU A 213 4.30 0.37 -10.67
N GLU A 214 3.69 1.46 -11.15
CA GLU A 214 2.58 2.10 -10.44
C GLU A 214 1.36 1.19 -10.39
N PHE A 215 0.83 0.86 -11.56
CA PHE A 215 -0.34 0.01 -11.66
C PHE A 215 -0.16 -1.32 -10.91
N THR A 216 1.07 -1.85 -10.92
CA THR A 216 1.32 -3.10 -10.22
C THR A 216 1.04 -2.84 -8.76
N GLN A 217 1.57 -1.73 -8.26
CA GLN A 217 1.39 -1.35 -6.87
C GLN A 217 -0.08 -1.18 -6.57
N LEU A 218 -0.81 -0.48 -7.44
CA LEU A 218 -2.23 -0.27 -7.25
C LEU A 218 -2.90 -1.64 -7.08
N CYS A 219 -2.49 -2.59 -7.90
CA CYS A 219 -3.03 -3.93 -7.84
C CYS A 219 -2.66 -4.55 -6.50
N ILE A 220 -1.41 -4.40 -6.11
CA ILE A 220 -0.94 -4.93 -4.84
C ILE A 220 -1.88 -4.36 -3.78
N ASP A 221 -2.07 -3.05 -3.84
CA ASP A 221 -2.93 -2.34 -2.89
C ASP A 221 -4.36 -2.89 -2.83
N LEU A 222 -4.89 -3.31 -3.97
CA LEU A 222 -6.26 -3.83 -4.00
C LEU A 222 -6.39 -5.31 -3.64
N GLY A 223 -5.33 -5.88 -3.07
CA GLY A 223 -5.37 -7.28 -2.67
C GLY A 223 -4.85 -8.32 -3.63
N TRP A 224 -3.94 -7.93 -4.51
CA TRP A 224 -3.38 -8.88 -5.46
C TRP A 224 -2.05 -9.42 -4.91
N LYS A 225 -1.82 -10.71 -5.09
CA LYS A 225 -0.60 -11.34 -4.62
C LYS A 225 0.50 -11.27 -5.67
N PRO A 226 1.57 -10.49 -5.41
CA PRO A 226 2.70 -10.35 -6.34
C PRO A 226 3.60 -11.57 -6.39
N ARG A 227 3.83 -12.11 -7.59
CA ARG A 227 4.69 -13.29 -7.75
C ARG A 227 6.16 -12.91 -7.95
N TYR A 228 6.46 -11.62 -7.91
CA TYR A 228 7.82 -11.12 -8.07
C TYR A 228 8.63 -11.79 -9.18
N GLY A 229 8.06 -11.85 -10.39
CA GLY A 229 8.76 -12.46 -11.51
C GLY A 229 8.93 -11.49 -12.68
N ARG A 230 9.68 -11.89 -13.70
CA ARG A 230 9.88 -11.00 -14.84
C ARG A 230 8.67 -10.91 -15.78
N PHE A 231 7.82 -11.94 -15.77
CA PHE A 231 6.65 -11.95 -16.64
C PHE A 231 5.35 -12.38 -15.98
N ASP A 232 4.99 -11.76 -14.85
CA ASP A 232 3.75 -12.12 -14.20
C ASP A 232 2.63 -11.28 -14.85
N VAL A 233 1.63 -11.94 -15.44
CA VAL A 233 0.52 -11.22 -16.06
C VAL A 233 -0.30 -10.51 -15.00
N LEU A 234 -0.41 -9.19 -15.08
CA LEU A 234 -1.18 -8.43 -14.11
C LEU A 234 -2.65 -8.83 -14.16
N PRO A 235 -3.38 -8.57 -13.07
CA PRO A 235 -4.81 -8.92 -13.02
C PRO A 235 -5.74 -7.86 -13.61
N LEU A 236 -6.96 -8.28 -13.90
CA LEU A 236 -7.98 -7.39 -14.41
C LEU A 236 -8.49 -6.60 -13.18
N VAL A 237 -8.67 -5.29 -13.34
CA VAL A 237 -9.15 -4.43 -12.25
C VAL A 237 -10.38 -3.75 -12.81
N LEU A 238 -11.52 -4.40 -12.60
CA LEU A 238 -12.78 -3.92 -13.14
C LEU A 238 -13.65 -3.15 -12.16
N GLN A 239 -14.37 -2.18 -12.71
CA GLN A 239 -15.29 -1.38 -11.93
C GLN A 239 -16.58 -1.34 -12.73
N ALA A 240 -17.69 -1.75 -12.12
CA ALA A 240 -18.98 -1.78 -12.78
C ALA A 240 -19.95 -0.76 -12.20
N ASP A 241 -20.92 -0.34 -13.02
CA ASP A 241 -21.90 0.67 -12.63
C ASP A 241 -21.14 1.90 -12.18
N GLY A 242 -20.72 1.95 -10.93
CA GLY A 242 -19.96 3.09 -10.46
C GLY A 242 -19.11 2.66 -9.28
N GLN A 243 -19.43 1.47 -8.76
CA GLN A 243 -18.76 0.93 -7.60
C GLN A 243 -17.25 0.86 -7.74
N ASP A 244 -16.55 0.65 -6.64
CA ASP A 244 -15.10 0.57 -6.65
C ASP A 244 -14.64 -0.63 -7.46
N PRO A 245 -13.38 -0.62 -7.92
CA PRO A 245 -12.87 -1.74 -8.71
C PRO A 245 -12.55 -3.00 -7.89
N GLU A 246 -12.90 -4.15 -8.46
CA GLU A 246 -12.62 -5.45 -7.84
C GLU A 246 -11.50 -6.08 -8.65
N VAL A 247 -10.64 -6.82 -7.98
CA VAL A 247 -9.52 -7.46 -8.65
C VAL A 247 -9.76 -8.90 -9.08
N PHE A 248 -9.63 -9.16 -10.38
CA PHE A 248 -9.81 -10.50 -10.94
C PHE A 248 -8.52 -10.96 -11.63
N GLU A 249 -7.97 -12.08 -11.17
CA GLU A 249 -6.76 -12.64 -11.75
C GLU A 249 -7.15 -13.36 -13.04
N ILE A 250 -6.31 -13.27 -14.07
CA ILE A 250 -6.64 -13.90 -15.34
C ILE A 250 -6.24 -15.38 -15.38
N PRO A 251 -7.19 -16.25 -15.74
CA PRO A 251 -6.93 -17.69 -15.81
C PRO A 251 -5.75 -18.02 -16.74
N PRO A 252 -4.62 -18.47 -16.16
CA PRO A 252 -3.43 -18.81 -16.94
C PRO A 252 -3.67 -19.57 -18.23
N ASP A 253 -4.66 -20.45 -18.22
CA ASP A 253 -4.97 -21.22 -19.41
C ASP A 253 -5.30 -20.29 -20.59
N LEU A 254 -5.84 -19.11 -20.30
CA LEU A 254 -6.22 -18.14 -21.35
C LEU A 254 -5.11 -17.22 -21.88
N VAL A 255 -3.98 -17.14 -21.19
CA VAL A 255 -2.92 -16.27 -21.66
C VAL A 255 -1.86 -16.96 -22.49
N LEU A 256 -2.00 -16.89 -23.81
CA LEU A 256 -1.03 -17.50 -24.72
C LEU A 256 0.24 -16.66 -24.81
N GLU A 257 1.38 -17.30 -24.70
CA GLU A 257 2.66 -16.59 -24.75
C GLU A 257 3.60 -17.24 -25.77
N VAL A 258 4.55 -16.46 -26.26
CA VAL A 258 5.52 -16.95 -27.23
C VAL A 258 6.87 -16.81 -26.55
N THR A 259 7.65 -17.88 -26.50
CA THR A 259 8.96 -17.78 -25.89
C THR A 259 9.91 -17.38 -27.00
N MET A 260 10.81 -16.46 -26.70
CA MET A 260 11.71 -15.97 -27.72
C MET A 260 12.96 -16.80 -27.96
N GLU A 261 13.22 -17.04 -29.23
CA GLU A 261 14.41 -17.76 -29.64
C GLU A 261 14.80 -17.26 -31.04
N HIS A 262 16.11 -17.08 -31.24
CA HIS A 262 16.65 -16.63 -32.51
C HIS A 262 16.95 -17.82 -33.43
N PRO A 263 16.64 -17.68 -34.73
CA PRO A 263 16.88 -18.78 -35.66
C PRO A 263 18.34 -19.20 -35.86
N LYS A 264 19.29 -18.33 -35.50
CA LYS A 264 20.71 -18.62 -35.66
C LYS A 264 21.45 -18.67 -34.33
N TYR A 265 21.34 -17.60 -33.55
CA TYR A 265 22.01 -17.57 -32.27
C TYR A 265 21.22 -18.42 -31.30
N GLU A 266 21.81 -19.51 -30.82
CA GLU A 266 21.10 -20.37 -29.89
C GLU A 266 21.16 -19.83 -28.46
N TRP A 267 21.94 -18.78 -28.26
CA TRP A 267 22.03 -18.17 -26.95
C TRP A 267 20.92 -17.13 -26.75
N PHE A 268 20.10 -16.92 -27.78
CA PHE A 268 19.03 -15.96 -27.64
C PHE A 268 18.04 -16.44 -26.61
N GLN A 269 17.61 -17.68 -26.77
CA GLN A 269 16.65 -18.26 -25.85
C GLN A 269 17.21 -18.32 -24.43
N GLU A 270 18.53 -18.13 -24.31
CA GLU A 270 19.18 -18.14 -23.01
C GLU A 270 18.85 -16.86 -22.26
N LEU A 271 18.34 -15.86 -22.97
CA LEU A 271 17.96 -14.60 -22.36
C LEU A 271 16.65 -14.82 -21.62
N GLY A 272 16.06 -16.00 -21.84
CA GLY A 272 14.81 -16.38 -21.21
C GLY A 272 13.75 -15.31 -21.35
N LEU A 273 13.43 -15.01 -22.60
CA LEU A 273 12.46 -13.98 -22.91
C LEU A 273 11.21 -14.52 -23.56
N LYS A 274 10.10 -13.83 -23.35
CA LYS A 274 8.86 -14.22 -23.97
C LYS A 274 7.93 -13.01 -23.96
N TRP A 275 6.75 -13.17 -24.54
CA TRP A 275 5.78 -12.09 -24.56
C TRP A 275 4.40 -12.66 -24.89
N TYR A 276 3.35 -12.00 -24.38
CA TYR A 276 1.99 -12.46 -24.66
C TYR A 276 1.63 -12.24 -26.13
N ALA A 277 0.67 -13.02 -26.62
CA ALA A 277 0.28 -12.93 -28.00
C ALA A 277 -0.93 -12.02 -28.29
N LEU A 278 -1.62 -11.60 -27.23
CA LEU A 278 -2.81 -10.80 -27.42
C LEU A 278 -2.68 -9.33 -27.12
N PRO A 279 -2.71 -8.49 -28.18
CA PRO A 279 -2.59 -7.04 -27.99
C PRO A 279 -4.02 -6.53 -27.94
N ALA A 280 -4.45 -6.12 -26.75
CA ALA A 280 -5.81 -5.63 -26.56
C ALA A 280 -5.79 -4.41 -25.69
N VAL A 281 -6.35 -3.32 -26.22
CA VAL A 281 -6.43 -2.06 -25.49
C VAL A 281 -7.64 -2.17 -24.57
N ALA A 282 -7.45 -1.80 -23.31
CA ALA A 282 -8.53 -1.91 -22.33
C ALA A 282 -9.22 -0.63 -21.85
N ASN A 283 -8.50 0.48 -21.85
CA ASN A 283 -9.03 1.74 -21.31
C ASN A 283 -9.52 2.87 -22.22
N MET A 284 -9.92 2.57 -23.45
CA MET A 284 -10.40 3.67 -24.29
C MET A 284 -11.91 3.81 -24.28
N LEU A 285 -12.40 4.93 -24.81
CA LEU A 285 -13.84 5.21 -24.84
C LEU A 285 -14.34 5.34 -26.27
N LEU A 286 -15.47 4.69 -26.55
CA LEU A 286 -16.06 4.73 -27.88
C LEU A 286 -17.18 5.76 -27.96
N GLU A 287 -16.98 6.80 -28.75
CA GLU A 287 -17.97 7.85 -28.92
C GLU A 287 -18.77 7.58 -30.20
N VAL A 288 -20.09 7.62 -30.10
CA VAL A 288 -20.95 7.39 -31.25
C VAL A 288 -22.36 7.97 -31.03
N GLY A 289 -22.83 8.71 -32.03
CA GLY A 289 -24.15 9.31 -31.96
C GLY A 289 -24.44 10.09 -30.69
N GLY A 290 -23.40 10.69 -30.12
CA GLY A 290 -23.60 11.46 -28.91
C GLY A 290 -23.48 10.59 -27.69
N LEU A 291 -23.57 9.29 -27.89
CA LEU A 291 -23.45 8.34 -26.79
C LEU A 291 -21.98 8.02 -26.59
N GLU A 292 -21.63 7.59 -25.40
CA GLU A 292 -20.25 7.24 -25.12
C GLU A 292 -20.12 6.02 -24.19
N PHE A 293 -19.34 5.05 -24.67
CA PHE A 293 -19.09 3.81 -23.95
C PHE A 293 -17.67 3.87 -23.41
N PRO A 294 -17.51 4.15 -22.11
CA PRO A 294 -16.19 4.23 -21.48
C PRO A 294 -15.50 2.91 -21.22
N ALA A 295 -16.12 1.81 -21.65
CA ALA A 295 -15.54 0.47 -21.44
C ALA A 295 -15.83 -0.38 -22.67
N CYS A 296 -14.79 -0.61 -23.47
CA CYS A 296 -14.96 -1.37 -24.69
C CYS A 296 -13.62 -1.93 -25.13
N PRO A 297 -13.07 -2.88 -24.38
CA PRO A 297 -11.78 -3.42 -24.78
C PRO A 297 -11.84 -4.03 -26.19
N PHE A 298 -10.80 -3.78 -26.98
CA PHE A 298 -10.74 -4.31 -28.33
C PHE A 298 -9.33 -4.77 -28.60
N ASN A 299 -9.17 -5.60 -29.63
CA ASN A 299 -7.85 -6.10 -29.96
C ASN A 299 -7.68 -6.44 -31.43
N GLY A 300 -6.42 -6.47 -31.85
CA GLY A 300 -6.03 -6.83 -33.20
C GLY A 300 -4.90 -7.82 -32.95
N TRP A 301 -3.86 -7.82 -33.77
CA TRP A 301 -2.73 -8.72 -33.53
C TRP A 301 -1.49 -7.87 -33.55
N TYR A 302 -0.38 -8.45 -33.08
CA TYR A 302 0.90 -7.74 -32.98
C TYR A 302 1.68 -7.46 -34.27
N MET A 303 2.54 -6.46 -34.16
CA MET A 303 3.45 -6.09 -35.22
C MET A 303 4.79 -6.28 -34.52
N GLY A 304 5.63 -7.16 -35.08
CA GLY A 304 6.93 -7.45 -34.49
C GLY A 304 7.70 -6.34 -33.80
N THR A 305 7.87 -5.22 -34.47
CA THR A 305 8.64 -4.11 -33.91
C THR A 305 8.13 -3.60 -32.56
N GLU A 306 6.85 -3.86 -32.25
CA GLU A 306 6.29 -3.38 -30.98
C GLU A 306 7.03 -4.05 -29.80
N ILE A 307 7.23 -5.35 -29.95
CA ILE A 307 7.88 -6.19 -28.96
C ILE A 307 9.40 -6.13 -29.12
N GLY A 308 9.88 -6.42 -30.31
CA GLY A 308 11.32 -6.39 -30.52
C GLY A 308 11.98 -5.04 -30.28
N VAL A 309 11.30 -3.96 -30.63
CA VAL A 309 11.88 -2.64 -30.48
C VAL A 309 11.44 -1.87 -29.25
N ARG A 310 10.14 -1.70 -29.08
CA ARG A 310 9.61 -0.96 -27.95
C ARG A 310 9.66 -1.69 -26.62
N ASP A 311 9.03 -2.86 -26.55
CA ASP A 311 9.02 -3.61 -25.31
C ASP A 311 10.40 -4.13 -24.89
N PHE A 312 11.23 -4.56 -25.85
CA PHE A 312 12.55 -5.10 -25.51
C PHE A 312 13.72 -4.12 -25.54
N CYS A 313 13.66 -3.09 -26.38
CA CYS A 313 14.78 -2.17 -26.45
C CYS A 313 14.59 -0.80 -25.86
N ASP A 314 13.38 -0.49 -25.41
CA ASP A 314 13.19 0.80 -24.79
C ASP A 314 13.95 0.76 -23.47
N THR A 315 14.56 1.88 -23.13
CA THR A 315 15.32 1.98 -21.88
C THR A 315 14.36 1.86 -20.70
N GLN A 316 13.19 2.46 -20.84
CA GLN A 316 12.16 2.47 -19.81
C GLN A 316 11.40 1.15 -19.73
N ARG A 317 11.83 0.17 -20.53
CA ARG A 317 11.19 -1.14 -20.53
C ARG A 317 12.20 -2.22 -20.18
N TYR A 318 12.06 -3.39 -20.81
CA TYR A 318 12.94 -4.51 -20.56
C TYR A 318 14.40 -4.21 -20.88
N ASN A 319 14.63 -3.33 -21.84
CA ASN A 319 15.98 -2.86 -22.15
C ASN A 319 17.09 -3.95 -22.31
N ILE A 320 16.94 -4.78 -23.33
CA ILE A 320 17.90 -5.86 -23.59
C ILE A 320 18.91 -5.62 -24.72
N LEU A 321 18.96 -4.38 -25.24
CA LEU A 321 19.84 -4.03 -26.37
C LEU A 321 21.33 -4.19 -26.07
N GLU A 322 21.76 -3.61 -24.95
CA GLU A 322 23.14 -3.68 -24.49
C GLU A 322 23.58 -5.16 -24.37
N GLU A 323 22.72 -5.97 -23.76
CA GLU A 323 22.95 -7.41 -23.57
C GLU A 323 23.06 -8.19 -24.88
N VAL A 324 22.16 -7.94 -25.83
CA VAL A 324 22.19 -8.64 -27.10
C VAL A 324 23.42 -8.23 -27.90
N GLY A 325 23.83 -6.97 -27.76
CA GLY A 325 24.99 -6.50 -28.49
C GLY A 325 26.27 -7.24 -28.09
N ARG A 326 26.45 -7.42 -26.79
CA ARG A 326 27.63 -8.11 -26.25
C ARG A 326 27.67 -9.55 -26.75
N ARG A 327 26.56 -10.26 -26.61
CA ARG A 327 26.52 -11.64 -27.04
C ARG A 327 26.74 -11.73 -28.53
N MET A 328 26.62 -10.61 -29.22
CA MET A 328 26.85 -10.60 -30.67
C MET A 328 28.29 -10.27 -30.97
N GLY A 329 29.03 -9.85 -29.96
CA GLY A 329 30.43 -9.51 -30.14
C GLY A 329 30.65 -8.19 -30.85
N LEU A 330 29.77 -7.23 -30.58
CA LEU A 330 29.84 -5.91 -31.20
C LEU A 330 30.54 -4.86 -30.34
N GLU A 331 31.02 -3.80 -30.97
CA GLU A 331 31.72 -2.72 -30.28
C GLU A 331 30.68 -1.89 -29.55
N THR A 332 30.13 -2.51 -28.51
CA THR A 332 29.10 -1.97 -27.65
C THR A 332 29.41 -0.61 -27.02
N HIS A 333 30.66 -0.20 -27.10
CA HIS A 333 31.07 1.08 -26.53
C HIS A 333 31.41 2.13 -27.57
N THR A 334 30.98 1.89 -28.80
CA THR A 334 31.23 2.81 -29.91
C THR A 334 29.95 3.08 -30.72
N LEU A 335 29.18 4.10 -30.34
CA LEU A 335 27.94 4.43 -31.04
C LEU A 335 28.06 4.35 -32.57
N ALA A 336 29.09 5.02 -33.09
CA ALA A 336 29.33 5.07 -34.53
C ALA A 336 29.45 3.72 -35.23
N SER A 337 29.72 2.66 -34.46
CA SER A 337 29.85 1.33 -35.05
C SER A 337 28.49 0.84 -35.53
N LEU A 338 27.44 1.49 -35.05
CA LEU A 338 26.08 1.12 -35.38
C LEU A 338 25.73 -0.27 -34.87
N TRP A 339 26.25 -0.62 -33.69
CA TRP A 339 25.99 -1.95 -33.11
C TRP A 339 24.54 -2.04 -32.73
N LYS A 340 23.95 -0.89 -32.39
CA LYS A 340 22.56 -0.88 -32.01
C LYS A 340 21.69 -1.29 -33.19
N ASP A 341 22.00 -0.76 -34.37
CA ASP A 341 21.21 -1.10 -35.55
C ASP A 341 21.31 -2.59 -35.84
N ARG A 342 22.46 -3.18 -35.55
CA ARG A 342 22.65 -4.60 -35.81
C ARG A 342 21.84 -5.45 -34.82
N ALA A 343 21.99 -5.15 -33.53
CA ALA A 343 21.29 -5.87 -32.48
C ALA A 343 19.78 -5.84 -32.70
N VAL A 344 19.23 -4.62 -32.76
CA VAL A 344 17.80 -4.44 -32.94
C VAL A 344 17.26 -5.33 -34.05
N THR A 345 18.01 -5.46 -35.14
CA THR A 345 17.53 -6.28 -36.24
C THR A 345 17.40 -7.76 -35.89
N GLU A 346 18.41 -8.32 -35.22
CA GLU A 346 18.37 -9.72 -34.83
C GLU A 346 17.25 -9.95 -33.81
N ILE A 347 17.05 -8.97 -32.93
CA ILE A 347 15.99 -9.07 -31.95
C ILE A 347 14.65 -9.12 -32.69
N ASN A 348 14.50 -8.26 -33.68
CA ASN A 348 13.26 -8.21 -34.46
C ASN A 348 13.03 -9.51 -35.18
N VAL A 349 14.11 -10.12 -35.66
CA VAL A 349 13.94 -11.39 -36.36
C VAL A 349 13.62 -12.51 -35.38
N ALA A 350 14.17 -12.43 -34.16
CA ALA A 350 13.91 -13.46 -33.15
C ALA A 350 12.39 -13.45 -32.88
N VAL A 351 11.85 -12.26 -32.63
CA VAL A 351 10.42 -12.12 -32.37
C VAL A 351 9.59 -12.71 -33.51
N LEU A 352 9.74 -12.18 -34.71
CA LEU A 352 9.00 -12.68 -35.87
C LEU A 352 9.17 -14.19 -35.96
N HIS A 353 10.42 -14.64 -35.93
CA HIS A 353 10.75 -16.04 -36.01
C HIS A 353 9.95 -16.85 -34.98
N SER A 354 10.05 -16.44 -33.72
CA SER A 354 9.36 -17.10 -32.63
C SER A 354 7.84 -17.15 -32.77
N PHE A 355 7.23 -16.05 -33.20
CA PHE A 355 5.78 -16.07 -33.36
C PHE A 355 5.40 -17.05 -34.48
N GLN A 356 6.12 -16.97 -35.59
CA GLN A 356 5.86 -17.84 -36.73
C GLN A 356 6.02 -19.33 -36.37
N LYS A 357 7.08 -19.63 -35.65
CA LYS A 357 7.37 -21.01 -35.24
C LYS A 357 6.28 -21.57 -34.35
N GLN A 358 5.78 -20.75 -33.43
CA GLN A 358 4.73 -21.21 -32.53
C GLN A 358 3.32 -21.01 -33.06
N ASN A 359 3.23 -20.73 -34.35
CA ASN A 359 1.95 -20.52 -35.05
C ASN A 359 1.05 -19.48 -34.40
N VAL A 360 1.60 -18.31 -34.16
CA VAL A 360 0.88 -17.20 -33.57
C VAL A 360 0.91 -16.04 -34.53
N THR A 361 -0.27 -15.59 -34.94
CA THR A 361 -0.37 -14.48 -35.87
C THR A 361 0.49 -13.27 -35.49
N ILE A 362 1.17 -12.72 -36.49
CA ILE A 362 1.97 -11.52 -36.30
C ILE A 362 2.35 -11.01 -37.68
N MET A 363 2.77 -9.76 -37.75
CA MET A 363 3.15 -9.17 -39.01
C MET A 363 4.38 -8.30 -38.83
N ASP A 364 5.22 -8.26 -39.87
CA ASP A 364 6.41 -7.43 -39.83
C ASP A 364 5.98 -6.01 -40.18
N HIS A 365 6.79 -5.03 -39.79
CA HIS A 365 6.44 -3.65 -40.07
C HIS A 365 6.44 -3.30 -41.54
N HIS A 366 7.23 -4.02 -42.33
CA HIS A 366 7.31 -3.76 -43.76
C HIS A 366 6.02 -4.09 -44.49
N THR A 367 5.56 -5.33 -44.34
CA THR A 367 4.33 -5.74 -45.00
C THR A 367 3.17 -4.93 -44.44
N ALA A 368 3.32 -4.46 -43.20
CA ALA A 368 2.26 -3.69 -42.56
C ALA A 368 2.13 -2.34 -43.23
N SER A 369 3.27 -1.68 -43.46
CA SER A 369 3.29 -0.39 -44.13
C SER A 369 2.71 -0.49 -45.53
N GLU A 370 3.04 -1.56 -46.23
CA GLU A 370 2.51 -1.72 -47.58
C GLU A 370 1.01 -1.86 -47.56
N SER A 371 0.49 -2.66 -46.63
CA SER A 371 -0.96 -2.85 -46.57
C SER A 371 -1.68 -1.58 -46.16
N PHE A 372 -1.07 -0.78 -45.29
CA PHE A 372 -1.73 0.46 -44.92
C PHE A 372 -1.83 1.33 -46.16
N MET A 373 -0.72 1.50 -46.87
CA MET A 373 -0.72 2.28 -48.11
C MET A 373 -1.86 1.84 -49.02
N LYS A 374 -2.09 0.53 -49.10
CA LYS A 374 -3.18 0.02 -49.93
C LYS A 374 -4.48 0.45 -49.30
N HIS A 375 -4.57 0.30 -47.98
CA HIS A 375 -5.79 0.69 -47.27
C HIS A 375 -6.10 2.13 -47.60
N MET A 376 -5.14 3.01 -47.34
CA MET A 376 -5.29 4.43 -47.58
C MET A 376 -5.77 4.73 -49.00
N GLN A 377 -5.18 4.06 -49.98
CA GLN A 377 -5.57 4.23 -51.37
C GLN A 377 -7.06 3.94 -51.52
N ASN A 378 -7.50 2.82 -50.96
CA ASN A 378 -8.90 2.41 -51.02
C ASN A 378 -9.75 3.47 -50.36
N GLU A 379 -9.35 3.86 -49.15
CA GLU A 379 -10.06 4.83 -48.36
C GLU A 379 -10.33 6.17 -49.08
N TYR A 380 -9.33 6.69 -49.78
CA TYR A 380 -9.52 7.95 -50.49
C TYR A 380 -10.51 7.78 -51.65
N ARG A 381 -10.39 6.67 -52.37
CA ARG A 381 -11.31 6.38 -53.46
C ARG A 381 -12.71 6.30 -52.88
N ALA A 382 -12.92 5.33 -52.00
CA ALA A 382 -14.22 5.09 -51.35
C ALA A 382 -14.86 6.35 -50.77
N ARG A 383 -14.22 6.96 -49.78
CA ARG A 383 -14.81 8.15 -49.19
C ARG A 383 -13.89 9.37 -49.13
N GLY A 384 -13.09 9.54 -50.19
CA GLY A 384 -12.18 10.67 -50.30
C GLY A 384 -11.56 11.17 -49.01
N GLY A 385 -10.63 10.39 -48.48
CA GLY A 385 -9.96 10.77 -47.25
C GLY A 385 -9.71 9.58 -46.35
N CYS A 386 -8.84 9.78 -45.38
CA CYS A 386 -8.49 8.75 -44.41
C CYS A 386 -7.60 9.44 -43.39
N PRO A 387 -8.14 9.73 -42.20
CA PRO A 387 -7.33 10.39 -41.17
C PRO A 387 -6.12 9.53 -40.84
N ALA A 388 -4.97 10.15 -40.66
CA ALA A 388 -3.75 9.41 -40.37
C ALA A 388 -2.69 10.21 -39.63
N ASP A 389 -2.21 9.66 -38.51
CA ASP A 389 -1.19 10.29 -37.69
C ASP A 389 0.17 9.67 -38.12
N TRP A 390 0.89 10.40 -38.96
CA TRP A 390 2.20 10.00 -39.49
C TRP A 390 3.16 9.54 -38.40
N ILE A 391 3.28 10.35 -37.34
CA ILE A 391 4.18 10.02 -36.23
C ILE A 391 3.90 8.64 -35.67
N TRP A 392 2.65 8.23 -35.72
CA TRP A 392 2.29 6.92 -35.22
C TRP A 392 2.33 5.80 -36.26
N LEU A 393 2.11 6.12 -37.53
CA LEU A 393 2.12 5.09 -38.56
C LEU A 393 3.51 4.67 -39.04
N VAL A 394 4.50 5.55 -38.95
CA VAL A 394 5.85 5.19 -39.36
C VAL A 394 6.41 4.30 -38.26
N PRO A 395 6.99 3.14 -38.63
CA PRO A 395 7.56 2.19 -37.66
C PRO A 395 8.66 2.82 -36.80
N PRO A 396 8.89 2.26 -35.60
CA PRO A 396 9.94 2.78 -34.70
C PRO A 396 11.37 2.55 -35.22
N VAL A 397 11.51 1.79 -36.31
CA VAL A 397 12.80 1.52 -36.95
C VAL A 397 12.59 1.41 -38.47
N SER A 398 13.63 1.70 -39.24
CA SER A 398 13.57 1.62 -40.70
C SER A 398 12.42 2.45 -41.32
N GLY A 399 12.23 3.65 -40.77
CA GLY A 399 11.17 4.55 -41.23
C GLY A 399 11.09 4.81 -42.72
N SER A 400 12.10 5.45 -43.30
CA SER A 400 12.07 5.76 -44.73
C SER A 400 12.17 4.52 -45.63
N ILE A 401 12.54 3.38 -45.07
CA ILE A 401 12.61 2.16 -45.87
C ILE A 401 11.16 1.73 -46.14
N THR A 402 10.26 2.34 -45.39
CA THR A 402 8.82 2.08 -45.46
C THR A 402 8.10 3.12 -46.33
N PRO A 403 7.08 2.69 -47.09
CA PRO A 403 6.32 3.59 -47.96
C PRO A 403 5.59 4.74 -47.27
N VAL A 404 5.01 4.47 -46.09
CA VAL A 404 4.26 5.49 -45.36
C VAL A 404 5.06 6.71 -44.90
N PHE A 405 6.38 6.58 -44.92
CA PHE A 405 7.26 7.67 -44.51
C PHE A 405 7.25 8.80 -45.54
N HIS A 406 7.13 8.42 -46.80
CA HIS A 406 7.14 9.37 -47.92
C HIS A 406 5.74 9.81 -48.27
N GLN A 407 4.79 9.40 -47.44
CA GLN A 407 3.38 9.72 -47.66
C GLN A 407 2.86 10.85 -46.78
N GLU A 408 2.40 11.93 -47.40
CA GLU A 408 1.84 13.04 -46.63
C GLU A 408 0.44 12.61 -46.22
N MET A 409 0.03 13.02 -45.02
CA MET A 409 -1.27 12.66 -44.50
C MET A 409 -1.84 13.68 -43.52
N LEU A 410 -3.17 13.75 -43.49
CA LEU A 410 -3.91 14.66 -42.62
C LEU A 410 -4.44 13.91 -41.41
N ASN A 411 -4.33 14.54 -40.24
CA ASN A 411 -4.79 13.92 -39.00
C ASN A 411 -5.93 14.70 -38.35
N TYR A 412 -7.16 14.22 -38.57
CA TYR A 412 -8.34 14.85 -38.00
C TYR A 412 -9.28 13.85 -37.31
N VAL A 413 -9.98 14.33 -36.29
CA VAL A 413 -10.89 13.52 -35.50
C VAL A 413 -12.32 13.49 -36.04
N LEU A 414 -12.72 12.36 -36.60
CA LEU A 414 -14.06 12.21 -37.11
C LEU A 414 -14.91 11.64 -35.97
N SER A 415 -15.97 10.91 -36.33
CA SER A 415 -16.88 10.28 -35.38
C SER A 415 -17.77 9.31 -36.16
N PRO A 416 -18.08 8.13 -35.59
CA PRO A 416 -17.65 7.65 -34.28
C PRO A 416 -16.13 7.58 -34.18
N PHE A 417 -15.63 7.67 -32.95
CA PHE A 417 -14.20 7.71 -32.70
C PHE A 417 -13.88 7.03 -31.38
N TYR A 418 -12.62 6.56 -31.22
CA TYR A 418 -12.17 5.94 -29.96
C TYR A 418 -11.29 6.97 -29.27
N TYR A 419 -11.75 7.48 -28.14
CA TYR A 419 -10.98 8.47 -27.40
C TYR A 419 -10.19 7.87 -26.26
N TYR A 420 -9.16 8.62 -25.86
CA TYR A 420 -8.31 8.26 -24.71
C TYR A 420 -9.17 8.81 -23.58
N GLN A 421 -8.90 8.43 -22.35
CA GLN A 421 -9.68 8.99 -21.26
C GLN A 421 -8.82 9.10 -20.00
N ILE A 422 -9.26 9.94 -19.06
CA ILE A 422 -8.48 10.17 -17.84
C ILE A 422 -8.35 8.95 -16.95
N GLU A 423 -7.13 8.74 -16.47
CA GLU A 423 -6.84 7.61 -15.60
C GLU A 423 -7.88 7.54 -14.51
N PRO A 424 -8.67 6.45 -14.49
CA PRO A 424 -9.74 6.23 -13.52
C PRO A 424 -9.35 6.46 -12.04
N TRP A 425 -8.12 6.15 -11.68
CA TRP A 425 -7.68 6.31 -10.30
C TRP A 425 -7.40 7.77 -9.94
N LYS A 426 -7.48 8.66 -10.92
CA LYS A 426 -7.25 10.07 -10.67
C LYS A 426 -8.59 10.73 -10.35
N THR A 427 -9.63 10.30 -11.05
CA THR A 427 -10.97 10.84 -10.86
C THR A 427 -11.94 9.71 -10.53
N HIS A 428 -12.18 9.47 -9.25
CA HIS A 428 -13.08 8.40 -8.83
C HIS A 428 -13.46 8.51 -7.36
N ILE A 429 -14.70 8.12 -7.05
CA ILE A 429 -15.21 8.12 -5.68
C ILE A 429 -14.39 7.10 -4.88
N TRP A 430 -15.05 6.38 -3.99
CA TRP A 430 -14.43 5.34 -3.18
C TRP A 430 -15.16 5.07 -1.88
N GLN A 431 -16.31 4.42 -1.98
CA GLN A 431 -17.11 4.07 -0.80
C GLN A 431 -16.31 3.09 0.07
N GLN B 12 -23.22 -14.70 24.19
CA GLN B 12 -22.65 -15.20 22.91
C GLN B 12 -21.54 -16.23 23.20
N TYR B 13 -20.29 -15.80 23.09
CA TYR B 13 -19.12 -16.64 23.37
C TYR B 13 -17.93 -15.72 23.60
N VAL B 14 -16.91 -16.21 24.31
CA VAL B 14 -15.74 -15.40 24.56
C VAL B 14 -14.63 -15.74 23.60
N ARG B 15 -14.02 -14.72 23.01
CA ARG B 15 -12.94 -14.90 22.05
C ARG B 15 -11.62 -15.07 22.81
N ILE B 16 -10.90 -16.14 22.50
CA ILE B 16 -9.62 -16.44 23.13
C ILE B 16 -8.54 -16.57 22.06
N LYS B 17 -7.46 -15.82 22.22
CA LYS B 17 -6.38 -15.85 21.26
C LYS B 17 -5.11 -16.55 21.76
N ASN B 18 -4.33 -17.07 20.82
CA ASN B 18 -3.06 -17.70 21.13
C ASN B 18 -2.01 -16.86 20.46
N TRP B 19 -1.36 -16.01 21.24
CA TRP B 19 -0.36 -15.10 20.72
C TRP B 19 0.86 -15.71 20.06
N GLY B 20 0.92 -17.03 20.01
CA GLY B 20 2.06 -17.67 19.37
C GLY B 20 1.67 -18.19 18.00
N SER B 21 0.38 -18.50 17.84
CA SER B 21 -0.16 -19.04 16.59
C SER B 21 -1.04 -18.04 15.86
N GLY B 22 -1.61 -17.10 16.62
CA GLY B 22 -2.50 -16.12 16.03
C GLY B 22 -3.90 -16.72 15.96
N GLU B 23 -3.97 -18.01 16.25
CA GLU B 23 -5.20 -18.77 16.24
C GLU B 23 -6.19 -18.24 17.27
N ILE B 24 -7.48 -18.32 16.93
CA ILE B 24 -8.53 -17.85 17.83
C ILE B 24 -9.53 -18.95 18.13
N LEU B 25 -10.06 -18.95 19.35
CA LEU B 25 -11.04 -19.94 19.78
C LEU B 25 -12.22 -19.22 20.42
N HIS B 26 -13.40 -19.81 20.34
CA HIS B 26 -14.59 -19.19 20.92
C HIS B 26 -15.16 -20.09 22.02
N ASP B 27 -14.97 -19.67 23.26
CA ASP B 27 -15.46 -20.45 24.40
C ASP B 27 -16.95 -20.24 24.64
N THR B 28 -17.72 -21.30 24.42
CA THR B 28 -19.15 -21.27 24.63
C THR B 28 -19.46 -22.01 25.93
N LEU B 29 -18.58 -22.92 26.32
CA LEU B 29 -18.74 -23.74 27.51
C LEU B 29 -18.86 -22.96 28.82
N HIS B 30 -18.14 -21.86 28.95
CA HIS B 30 -18.15 -21.05 30.16
C HIS B 30 -19.54 -20.69 30.68
N HIS B 31 -20.57 -20.85 29.84
CA HIS B 31 -21.93 -20.53 30.24
C HIS B 31 -22.46 -21.50 31.29
N LYS B 32 -22.14 -22.78 31.13
CA LYS B 32 -22.59 -23.79 32.07
C LYS B 32 -21.82 -23.68 33.38
N ALA B 33 -21.20 -22.51 33.56
CA ALA B 33 -20.41 -22.25 34.76
C ALA B 33 -21.24 -22.37 36.02
N THR B 34 -20.54 -22.49 37.15
CA THR B 34 -21.15 -22.64 38.46
C THR B 34 -21.59 -21.29 39.02
N SER B 35 -22.09 -21.33 40.26
CA SER B 35 -22.55 -20.15 40.98
C SER B 35 -21.35 -19.40 41.57
N SER B 43 -16.23 -17.08 36.19
CA SER B 43 -15.15 -17.24 35.18
C SER B 43 -14.12 -16.12 35.29
N CYS B 44 -12.85 -16.49 35.36
CA CYS B 44 -11.79 -15.51 35.48
C CYS B 44 -11.34 -15.01 34.11
N LEU B 45 -11.16 -13.69 34.04
CA LEU B 45 -10.71 -12.98 32.84
C LEU B 45 -9.22 -12.66 32.98
N GLY B 46 -8.60 -13.21 34.03
CA GLY B 46 -7.19 -12.97 34.31
C GLY B 46 -6.17 -13.37 33.25
N SER B 47 -6.42 -14.49 32.58
CA SER B 47 -5.51 -14.98 31.54
C SER B 47 -5.64 -14.22 30.21
N ILE B 48 -6.40 -13.13 30.22
CA ILE B 48 -6.59 -12.30 29.02
C ILE B 48 -5.54 -11.19 29.04
N MET B 49 -5.00 -10.86 27.87
CA MET B 49 -3.96 -9.84 27.78
C MET B 49 -4.41 -8.39 27.61
N ASN B 50 -5.37 -8.16 26.71
CA ASN B 50 -5.87 -6.82 26.46
C ASN B 50 -7.35 -6.68 26.81
N PRO B 51 -7.72 -6.93 28.09
CA PRO B 51 -9.13 -6.81 28.47
C PRO B 51 -9.60 -5.36 28.33
N LYS B 52 -10.88 -5.19 28.03
CA LYS B 52 -11.43 -3.85 27.85
C LYS B 52 -11.40 -3.06 29.17
N SER B 53 -11.30 -3.78 30.28
CA SER B 53 -11.26 -3.16 31.59
C SER B 53 -9.95 -2.40 31.77
N LEU B 54 -8.95 -2.76 30.96
CA LEU B 54 -7.63 -2.15 31.00
C LEU B 54 -7.43 -1.23 29.80
N THR B 55 -8.53 -0.87 29.15
CA THR B 55 -8.47 -0.02 27.98
C THR B 55 -9.34 1.21 28.06
N ARG B 56 -8.79 2.33 27.61
CA ARG B 56 -9.48 3.61 27.59
C ARG B 56 -9.51 4.04 26.12
N GLY B 57 -10.62 3.76 25.46
CA GLY B 57 -10.77 4.08 24.04
C GLY B 57 -11.12 5.50 23.62
N PRO B 58 -11.45 5.70 22.33
CA PRO B 58 -11.81 6.99 21.73
C PRO B 58 -12.98 7.71 22.39
N ARG B 59 -13.27 8.91 21.87
CA ARG B 59 -14.36 9.75 22.35
C ARG B 59 -14.90 10.61 21.22
N ASP B 60 -16.07 11.20 21.43
CA ASP B 60 -16.74 12.06 20.46
C ASP B 60 -16.91 13.45 21.03
N LYS B 61 -17.32 13.50 22.29
CA LYS B 61 -17.56 14.75 22.97
C LYS B 61 -16.78 14.72 24.27
N PRO B 62 -16.52 15.89 24.86
CA PRO B 62 -15.77 15.95 26.12
C PRO B 62 -16.45 15.09 27.18
N THR B 63 -15.65 14.54 28.08
CA THR B 63 -16.19 13.71 29.14
C THR B 63 -17.19 14.49 30.01
N PRO B 64 -18.46 14.01 30.07
CA PRO B 64 -19.51 14.66 30.86
C PRO B 64 -19.11 15.10 32.26
N LEU B 65 -19.53 16.32 32.61
CA LEU B 65 -19.25 16.93 33.90
C LEU B 65 -19.57 16.02 35.08
N GLU B 66 -20.75 15.41 35.06
CA GLU B 66 -21.19 14.52 36.13
C GLU B 66 -20.15 13.48 36.57
N GLU B 67 -19.35 12.99 35.63
CA GLU B 67 -18.32 12.00 35.96
C GLU B 67 -16.93 12.62 36.09
N LEU B 68 -16.64 13.65 35.30
CA LEU B 68 -15.36 14.35 35.33
C LEU B 68 -15.11 15.08 36.63
N LEU B 69 -16.16 15.69 37.17
CA LEU B 69 -16.07 16.46 38.41
C LEU B 69 -15.66 15.65 39.63
N PRO B 70 -16.35 14.54 39.90
CA PRO B 70 -15.99 13.72 41.09
C PRO B 70 -14.58 13.14 40.97
N HIS B 71 -14.16 12.84 39.73
CA HIS B 71 -12.82 12.28 39.49
C HIS B 71 -11.77 13.33 39.87
N ALA B 72 -11.96 14.54 39.34
CA ALA B 72 -11.06 15.65 39.62
C ALA B 72 -10.92 15.86 41.13
N ILE B 73 -12.04 15.88 41.84
CA ILE B 73 -12.00 16.09 43.28
C ILE B 73 -11.21 14.98 43.96
N GLU B 74 -11.35 13.76 43.44
CA GLU B 74 -10.65 12.59 43.95
C GLU B 74 -9.12 12.78 43.90
N PHE B 75 -8.62 13.11 42.72
CA PHE B 75 -7.19 13.32 42.51
C PHE B 75 -6.63 14.40 43.41
N ILE B 76 -7.21 15.59 43.35
CA ILE B 76 -6.78 16.72 44.16
C ILE B 76 -6.69 16.39 45.65
N ASN B 77 -7.60 15.56 46.14
CA ASN B 77 -7.58 15.17 47.54
C ASN B 77 -6.45 14.19 47.75
N GLN B 78 -6.23 13.36 46.74
CA GLN B 78 -5.18 12.36 46.78
C GLN B 78 -3.81 13.05 46.72
N TYR B 79 -3.75 14.11 45.92
CA TYR B 79 -2.52 14.88 45.74
C TYR B 79 -2.18 15.64 47.02
N TYR B 80 -3.14 16.41 47.53
CA TYR B 80 -2.91 17.19 48.74
C TYR B 80 -2.78 16.30 49.97
N GLY B 81 -3.12 15.02 49.82
CA GLY B 81 -3.03 14.12 50.96
C GLY B 81 -1.73 13.36 51.00
N SER B 82 -0.94 13.50 49.94
CA SER B 82 0.32 12.78 49.84
C SER B 82 1.45 13.38 50.67
N PHE B 83 1.64 14.69 50.62
CA PHE B 83 2.75 15.27 51.37
C PHE B 83 2.54 15.43 52.86
N LYS B 84 3.64 15.28 53.59
CA LYS B 84 3.65 15.42 55.05
C LYS B 84 3.21 16.85 55.32
N GLU B 85 2.64 17.09 56.50
CA GLU B 85 2.13 18.41 56.86
C GLU B 85 1.49 19.08 55.64
N ALA B 86 0.23 18.71 55.42
CA ALA B 86 -0.55 19.23 54.30
C ALA B 86 -0.66 20.74 54.30
N LYS B 87 -1.26 21.25 53.23
CA LYS B 87 -1.50 22.67 53.05
C LYS B 87 -3.02 22.76 52.93
N ILE B 88 -3.68 22.61 54.08
CA ILE B 88 -5.14 22.64 54.17
C ILE B 88 -5.80 23.81 53.48
N GLU B 89 -5.23 24.99 53.65
CA GLU B 89 -5.82 26.17 53.01
C GLU B 89 -5.72 26.06 51.50
N GLU B 90 -4.55 25.65 51.01
CA GLU B 90 -4.31 25.50 49.57
C GLU B 90 -5.13 24.36 49.00
N HIS B 91 -5.22 23.28 49.77
CA HIS B 91 -5.99 22.11 49.39
C HIS B 91 -7.40 22.59 49.03
N LEU B 92 -8.02 23.30 49.98
CA LEU B 92 -9.36 23.85 49.79
C LEU B 92 -9.40 24.80 48.60
N ALA B 93 -8.50 25.79 48.63
CA ALA B 93 -8.43 26.77 47.56
C ALA B 93 -8.41 26.06 46.22
N ARG B 94 -7.52 25.08 46.10
CA ARG B 94 -7.37 24.32 44.87
C ARG B 94 -8.67 23.61 44.52
N LEU B 95 -9.26 22.92 45.50
CA LEU B 95 -10.52 22.20 45.28
C LEU B 95 -11.59 23.11 44.69
N GLU B 96 -11.91 24.16 45.45
CA GLU B 96 -12.90 25.13 45.02
C GLU B 96 -12.55 25.65 43.63
N ALA B 97 -11.26 25.91 43.44
CA ALA B 97 -10.74 26.42 42.18
C ALA B 97 -10.98 25.47 41.01
N VAL B 98 -10.55 24.22 41.18
CA VAL B 98 -10.72 23.22 40.13
C VAL B 98 -12.20 23.03 39.81
N THR B 99 -12.99 22.84 40.87
CA THR B 99 -14.43 22.64 40.75
C THR B 99 -15.05 23.69 39.83
N LYS B 100 -14.76 24.96 40.13
CA LYS B 100 -15.28 26.07 39.36
C LYS B 100 -14.82 26.07 37.90
N GLU B 101 -13.52 25.86 37.70
CA GLU B 101 -12.96 25.84 36.36
C GLU B 101 -13.65 24.77 35.52
N ILE B 102 -14.00 23.66 36.17
CA ILE B 102 -14.67 22.55 35.50
C ILE B 102 -16.12 22.86 35.14
N GLU B 103 -16.84 23.46 36.09
CA GLU B 103 -18.24 23.80 35.87
C GLU B 103 -18.37 24.93 34.85
N THR B 104 -17.42 25.85 34.84
CA THR B 104 -17.46 26.98 33.91
C THR B 104 -16.87 26.72 32.51
N THR B 105 -15.92 25.81 32.40
CA THR B 105 -15.30 25.51 31.10
C THR B 105 -15.55 24.09 30.62
N GLY B 106 -15.80 23.20 31.57
CA GLY B 106 -16.04 21.80 31.23
C GLY B 106 -14.89 20.93 31.70
N THR B 107 -13.68 21.30 31.30
CA THR B 107 -12.49 20.55 31.70
C THR B 107 -11.62 21.39 32.63
N TYR B 108 -10.35 21.02 32.73
CA TYR B 108 -9.41 21.75 33.57
C TYR B 108 -7.97 21.33 33.32
N GLN B 109 -7.05 22.16 33.83
CA GLN B 109 -5.63 21.92 33.66
C GLN B 109 -5.00 21.58 35.00
N LEU B 110 -4.08 20.62 35.04
CA LEU B 110 -3.43 20.30 36.31
C LEU B 110 -2.20 21.19 36.43
N THR B 111 -1.69 21.38 37.64
CA THR B 111 -0.48 22.17 37.82
C THR B 111 0.70 21.22 37.51
N LEU B 112 1.81 21.74 36.99
CA LEU B 112 2.96 20.90 36.64
C LEU B 112 3.31 19.95 37.77
N ASP B 113 3.16 20.42 39.01
CA ASP B 113 3.46 19.59 40.18
C ASP B 113 2.47 18.44 40.32
N GLU B 114 1.20 18.72 40.06
CA GLU B 114 0.16 17.68 40.14
C GLU B 114 0.51 16.60 39.12
N LEU B 115 0.79 17.05 37.90
CA LEU B 115 1.16 16.17 36.79
C LEU B 115 2.34 15.29 37.19
N ILE B 116 3.42 15.89 37.71
CA ILE B 116 4.58 15.12 38.13
C ILE B 116 4.06 14.00 39.04
N PHE B 117 3.30 14.41 40.05
CA PHE B 117 2.73 13.49 41.03
C PHE B 117 1.91 12.39 40.37
N ALA B 118 1.04 12.78 39.44
CA ALA B 118 0.19 11.81 38.76
C ALA B 118 0.97 10.76 37.99
N THR B 119 1.97 11.20 37.23
CA THR B 119 2.78 10.28 36.42
C THR B 119 3.43 9.20 37.27
N LYS B 120 4.03 9.61 38.38
CA LYS B 120 4.70 8.67 39.29
C LYS B 120 3.72 7.72 39.97
N MET B 121 2.54 8.24 40.32
CA MET B 121 1.52 7.42 40.98
C MET B 121 0.96 6.42 39.96
N ALA B 122 0.73 6.89 38.73
CA ALA B 122 0.21 6.03 37.68
C ALA B 122 1.18 4.86 37.49
N TRP B 123 2.47 5.17 37.54
CA TRP B 123 3.50 4.14 37.37
C TRP B 123 3.34 3.24 38.58
N ARG B 124 3.30 3.87 39.75
CA ARG B 124 3.15 3.17 41.00
C ARG B 124 1.95 2.20 40.95
N ASN B 125 0.87 2.61 40.26
CA ASN B 125 -0.33 1.79 40.12
C ASN B 125 -0.38 0.90 38.87
N ALA B 126 0.76 0.61 38.24
CA ALA B 126 0.75 -0.26 37.08
C ALA B 126 1.02 -1.68 37.58
N PRO B 127 -0.05 -2.48 37.76
CA PRO B 127 0.10 -3.85 38.26
C PRO B 127 0.94 -4.77 37.40
N ARG B 128 1.28 -4.34 36.20
CA ARG B 128 2.09 -5.19 35.32
C ARG B 128 3.56 -4.79 35.18
N CYS B 129 4.06 -3.93 36.08
CA CYS B 129 5.45 -3.48 36.04
C CYS B 129 6.27 -4.09 37.18
N ILE B 130 7.36 -4.77 36.85
CA ILE B 130 8.20 -5.38 37.87
C ILE B 130 9.17 -4.40 38.48
N GLY B 131 9.43 -3.30 37.79
CA GLY B 131 10.38 -2.32 38.31
C GLY B 131 9.83 -1.15 39.10
N ARG B 132 8.61 -1.27 39.61
CA ARG B 132 7.99 -0.16 40.33
C ARG B 132 8.71 0.36 41.56
N ILE B 133 9.75 -0.33 42.02
CA ILE B 133 10.47 0.16 43.16
C ILE B 133 11.16 1.47 42.77
N GLN B 134 11.24 1.73 41.47
CA GLN B 134 11.87 2.94 40.95
C GLN B 134 10.83 4.05 40.70
N TRP B 135 9.56 3.73 40.91
CA TRP B 135 8.43 4.64 40.69
C TRP B 135 8.63 6.12 41.04
N SER B 136 9.47 6.43 42.01
CA SER B 136 9.65 7.84 42.39
C SER B 136 10.75 8.55 41.59
N ASN B 137 11.57 7.77 40.91
CA ASN B 137 12.65 8.29 40.11
C ASN B 137 12.17 8.40 38.66
N LEU B 138 11.58 9.54 38.32
CA LEU B 138 11.05 9.74 36.98
C LEU B 138 11.22 11.16 36.43
N GLN B 139 11.84 11.27 35.27
CA GLN B 139 12.03 12.56 34.64
C GLN B 139 10.72 12.84 33.94
N VAL B 140 10.16 14.03 34.15
CA VAL B 140 8.90 14.37 33.52
C VAL B 140 9.07 15.49 32.51
N PHE B 141 8.75 15.23 31.25
CA PHE B 141 8.87 16.25 30.22
C PHE B 141 7.50 16.78 29.83
N ASP B 142 7.19 17.96 30.35
CA ASP B 142 5.91 18.63 30.11
C ASP B 142 5.80 19.28 28.74
N ALA B 143 5.29 18.51 27.77
CA ALA B 143 5.10 19.01 26.41
C ALA B 143 3.61 19.24 26.12
N ARG B 144 2.87 19.65 27.15
CA ARG B 144 1.43 19.89 27.00
C ARG B 144 1.09 21.07 26.10
N ASN B 145 2.09 21.87 25.76
CA ASN B 145 1.90 23.03 24.90
C ASN B 145 2.30 22.74 23.45
N CYS B 146 2.82 21.55 23.21
CA CYS B 146 3.22 21.12 21.87
C CYS B 146 1.97 21.24 21.01
N SER B 147 2.12 21.50 19.71
CA SER B 147 0.95 21.60 18.86
C SER B 147 1.13 21.12 17.42
N THR B 148 2.35 20.74 17.06
CA THR B 148 2.60 20.25 15.70
C THR B 148 3.34 18.91 15.73
N ALA B 149 3.29 18.19 14.61
CA ALA B 149 3.96 16.90 14.51
C ALA B 149 5.47 17.05 14.68
N GLN B 150 6.02 18.15 14.16
CA GLN B 150 7.45 18.44 14.23
C GLN B 150 7.88 18.65 15.70
N GLU B 151 7.06 19.39 16.45
CA GLU B 151 7.36 19.63 17.84
C GLU B 151 7.33 18.30 18.57
N MET B 152 6.34 17.47 18.27
CA MET B 152 6.22 16.14 18.88
C MET B 152 7.53 15.42 18.63
N PHE B 153 7.83 15.27 17.34
CA PHE B 153 9.05 14.60 16.89
C PHE B 153 10.27 15.08 17.68
N GLN B 154 10.29 16.37 17.99
CA GLN B 154 11.43 16.92 18.73
C GLN B 154 11.40 16.57 20.19
N HIS B 155 10.24 16.66 20.84
CA HIS B 155 10.19 16.33 22.25
C HIS B 155 10.59 14.88 22.40
N ILE B 156 10.19 14.06 21.42
CA ILE B 156 10.50 12.64 21.47
C ILE B 156 12.01 12.43 21.34
N CYS B 157 12.62 13.08 20.35
CA CYS B 157 14.06 12.97 20.18
C CYS B 157 14.75 13.40 21.49
N ARG B 158 14.27 14.49 22.09
CA ARG B 158 14.86 14.97 23.34
C ARG B 158 14.74 13.87 24.40
N HIS B 159 13.56 13.24 24.43
CA HIS B 159 13.26 12.18 25.36
C HIS B 159 14.27 11.03 25.19
N ILE B 160 14.31 10.47 23.99
CA ILE B 160 15.22 9.37 23.67
C ILE B 160 16.65 9.67 24.10
N LEU B 161 17.11 10.87 23.77
CA LEU B 161 18.46 11.30 24.10
C LEU B 161 18.69 11.33 25.59
N TYR B 162 17.78 11.98 26.31
CA TYR B 162 17.89 12.08 27.77
C TYR B 162 17.86 10.69 28.45
N ALA B 163 16.91 9.87 28.01
CA ALA B 163 16.74 8.54 28.57
C ALA B 163 17.87 7.58 28.25
N THR B 164 18.43 7.67 27.03
CA THR B 164 19.49 6.76 26.63
C THR B 164 20.75 7.08 27.42
N ASN B 165 21.02 8.37 27.56
CA ASN B 165 22.16 8.85 28.32
C ASN B 165 23.47 8.09 28.10
N ASN B 166 23.69 7.65 26.86
CA ASN B 166 24.91 6.95 26.52
C ASN B 166 25.04 5.58 27.19
N GLY B 167 23.90 4.93 27.47
CA GLY B 167 23.96 3.62 28.09
C GLY B 167 23.50 3.60 29.52
N ASN B 168 23.69 4.70 30.24
CA ASN B 168 23.25 4.81 31.63
C ASN B 168 21.79 5.24 31.56
N ILE B 169 20.92 4.27 31.29
CA ILE B 169 19.52 4.52 31.11
C ILE B 169 18.80 5.25 32.24
N ARG B 170 18.07 6.30 31.89
CA ARG B 170 17.29 7.07 32.85
C ARG B 170 15.82 6.98 32.46
N SER B 171 14.96 6.77 33.44
CA SER B 171 13.52 6.65 33.24
C SER B 171 12.89 8.03 33.07
N ALA B 172 12.09 8.20 32.03
CA ALA B 172 11.44 9.48 31.79
C ALA B 172 10.12 9.27 31.07
N ILE B 173 9.29 10.32 31.10
CA ILE B 173 8.00 10.31 30.44
C ILE B 173 7.76 11.70 29.84
N THR B 174 7.12 11.71 28.67
CA THR B 174 6.79 12.96 27.99
C THR B 174 5.28 13.04 27.86
N VAL B 175 4.71 14.07 28.50
CA VAL B 175 3.27 14.31 28.52
C VAL B 175 2.83 15.28 27.45
N PHE B 176 2.14 14.79 26.44
CA PHE B 176 1.65 15.66 25.37
C PHE B 176 0.26 16.18 25.75
N PRO B 177 -0.29 17.15 24.99
CA PRO B 177 -1.60 17.72 25.29
C PRO B 177 -2.69 16.72 25.71
N GLN B 178 -3.44 17.07 26.75
CA GLN B 178 -4.52 16.20 27.24
C GLN B 178 -5.69 16.17 26.27
N ARG B 179 -6.48 15.10 26.33
CA ARG B 179 -7.64 14.97 25.47
C ARG B 179 -8.70 16.00 25.82
N SER B 180 -9.17 16.72 24.81
CA SER B 180 -10.19 17.74 25.01
C SER B 180 -11.55 17.17 24.62
N ASP B 181 -11.97 17.43 23.38
CA ASP B 181 -13.24 16.91 22.91
C ASP B 181 -13.07 15.42 22.59
N GLY B 182 -12.21 15.14 21.62
CA GLY B 182 -11.97 13.75 21.24
C GLY B 182 -11.47 13.65 19.82
N LYS B 183 -11.83 14.64 19.00
CA LYS B 183 -11.41 14.65 17.60
C LYS B 183 -10.05 15.33 17.48
N HIS B 184 -9.51 15.73 18.63
CA HIS B 184 -8.22 16.41 18.68
C HIS B 184 -7.19 15.72 19.59
N ASP B 185 -6.99 14.42 19.39
CA ASP B 185 -6.04 13.64 20.17
C ASP B 185 -4.63 13.63 19.57
N PHE B 186 -3.64 13.65 20.45
CA PHE B 186 -2.24 13.55 20.04
C PHE B 186 -2.00 12.06 20.21
N ARG B 187 -1.43 11.41 19.21
CA ARG B 187 -1.18 9.98 19.30
C ARG B 187 0.13 9.55 18.65
N LEU B 188 0.79 8.56 19.25
CA LEU B 188 2.01 7.99 18.71
C LEU B 188 1.46 6.69 18.15
N TRP B 189 1.57 6.50 16.86
CA TRP B 189 1.04 5.28 16.29
C TRP B 189 1.90 4.09 16.65
N ASN B 190 3.19 4.30 16.84
CA ASN B 190 4.11 3.22 17.20
C ASN B 190 3.73 2.68 18.56
N SER B 191 4.02 1.40 18.80
CA SER B 191 3.71 0.80 20.08
C SER B 191 4.83 1.15 21.06
N GLN B 192 6.04 1.34 20.54
CA GLN B 192 7.18 1.72 21.37
C GLN B 192 8.10 2.61 20.56
N LEU B 193 8.80 3.51 21.25
CA LEU B 193 9.71 4.44 20.59
C LEU B 193 10.70 3.77 19.63
N ILE B 194 11.49 2.81 20.10
CA ILE B 194 12.44 2.11 19.24
C ILE B 194 11.94 0.69 19.03
N ARG B 195 11.94 0.23 17.80
CA ARG B 195 11.43 -1.09 17.47
C ARG B 195 11.82 -1.40 16.03
N TYR B 196 12.14 -2.66 15.74
CA TYR B 196 12.59 -3.06 14.40
C TYR B 196 11.51 -3.42 13.37
N ALA B 197 11.79 -3.10 12.12
CA ALA B 197 10.86 -3.39 11.03
C ALA B 197 10.88 -4.88 10.65
N GLY B 198 9.75 -5.32 10.10
CA GLY B 198 9.64 -6.70 9.66
C GLY B 198 9.06 -6.67 8.26
N TYR B 199 9.74 -7.28 7.30
CA TYR B 199 9.25 -7.30 5.92
C TYR B 199 8.98 -8.70 5.45
N GLN B 200 7.94 -8.89 4.64
CA GLN B 200 7.66 -10.22 4.10
C GLN B 200 8.34 -10.25 2.75
N MET B 201 9.54 -10.81 2.72
CA MET B 201 10.32 -10.90 1.50
C MET B 201 9.57 -11.65 0.40
N PRO B 202 10.07 -11.56 -0.84
CA PRO B 202 9.44 -12.24 -1.98
C PRO B 202 9.56 -13.76 -1.87
N ASP B 203 10.70 -14.25 -1.38
CA ASP B 203 10.89 -15.69 -1.24
C ASP B 203 10.02 -16.28 -0.13
N GLY B 204 8.98 -15.55 0.25
CA GLY B 204 8.07 -16.01 1.27
C GLY B 204 8.56 -15.78 2.69
N THR B 205 9.88 -15.84 2.88
CA THR B 205 10.48 -15.65 4.19
C THR B 205 10.19 -14.26 4.75
N ILE B 206 10.24 -14.13 6.07
CA ILE B 206 10.02 -12.86 6.73
C ILE B 206 11.35 -12.35 7.27
N ARG B 207 11.64 -11.08 7.04
CA ARG B 207 12.89 -10.53 7.50
C ARG B 207 12.66 -9.60 8.67
N GLY B 208 13.60 -9.60 9.60
CA GLY B 208 13.51 -8.75 10.77
C GLY B 208 12.52 -9.25 11.80
N ASP B 209 11.72 -8.33 12.34
CA ASP B 209 10.74 -8.63 13.37
C ASP B 209 9.35 -8.97 12.84
N ALA B 210 9.04 -10.27 12.75
CA ALA B 210 7.75 -10.69 12.25
C ALA B 210 6.59 -10.04 13.03
N ALA B 211 6.83 -9.74 14.29
CA ALA B 211 5.78 -9.12 15.12
C ALA B 211 5.35 -7.73 14.64
N THR B 212 6.14 -7.11 13.76
CA THR B 212 5.80 -5.77 13.27
C THR B 212 5.60 -5.71 11.76
N LEU B 213 4.99 -6.76 11.19
CA LEU B 213 4.72 -6.80 9.75
C LEU B 213 3.63 -5.81 9.35
N GLU B 214 2.51 -5.81 10.05
CA GLU B 214 1.45 -4.89 9.68
C GLU B 214 1.90 -3.44 9.81
N PHE B 215 2.41 -3.07 10.97
CA PHE B 215 2.87 -1.71 11.20
C PHE B 215 3.96 -1.27 10.22
N THR B 216 4.88 -2.18 9.91
CA THR B 216 5.95 -1.83 8.98
C THR B 216 5.31 -1.46 7.66
N GLN B 217 4.39 -2.29 7.19
CA GLN B 217 3.70 -2.03 5.94
C GLN B 217 3.00 -0.67 6.03
N LEU B 218 2.34 -0.41 7.15
CA LEU B 218 1.65 0.85 7.36
C LEU B 218 2.62 2.02 7.21
N CYS B 219 3.87 1.81 7.62
CA CYS B 219 4.87 2.88 7.50
C CYS B 219 5.22 3.06 6.04
N ILE B 220 5.33 1.93 5.32
CA ILE B 220 5.62 1.95 3.89
C ILE B 220 4.50 2.73 3.22
N ASP B 221 3.27 2.43 3.63
CA ASP B 221 2.09 3.08 3.07
C ASP B 221 2.15 4.60 3.24
N LEU B 222 2.63 5.05 4.40
CA LEU B 222 2.71 6.49 4.64
C LEU B 222 3.97 7.07 4.00
N GLY B 223 4.60 6.29 3.14
CA GLY B 223 5.79 6.76 2.44
C GLY B 223 7.13 6.61 3.12
N TRP B 224 7.34 5.53 3.85
CA TRP B 224 8.61 5.30 4.53
C TRP B 224 9.46 4.43 3.62
N LYS B 225 10.74 4.77 3.48
CA LYS B 225 11.63 4.01 2.62
C LYS B 225 12.07 2.72 3.32
N PRO B 226 11.53 1.56 2.92
CA PRO B 226 11.91 0.29 3.55
C PRO B 226 13.38 -0.01 3.26
N ARG B 227 14.15 -0.32 4.29
CA ARG B 227 15.57 -0.60 4.11
C ARG B 227 15.86 -2.10 4.02
N TYR B 228 14.81 -2.90 4.10
CA TYR B 228 14.90 -4.35 4.01
C TYR B 228 16.07 -5.02 4.74
N GLY B 229 16.02 -5.01 6.07
CA GLY B 229 17.09 -5.62 6.86
C GLY B 229 16.55 -6.31 8.10
N ARG B 230 17.42 -6.99 8.85
CA ARG B 230 16.97 -7.68 10.06
C ARG B 230 16.76 -6.72 11.21
N PHE B 231 17.45 -5.57 11.18
CA PHE B 231 17.33 -4.62 12.27
C PHE B 231 17.23 -3.16 11.86
N ASP B 232 16.24 -2.86 11.04
CA ASP B 232 16.05 -1.47 10.62
C ASP B 232 15.08 -0.85 11.62
N VAL B 233 15.53 0.19 12.31
CA VAL B 233 14.67 0.87 13.27
C VAL B 233 13.48 1.47 12.54
N LEU B 234 12.29 1.26 13.08
CA LEU B 234 11.05 1.78 12.51
C LEU B 234 10.92 3.29 12.65
N PRO B 235 10.18 3.92 11.73
CA PRO B 235 10.00 5.37 11.78
C PRO B 235 8.99 5.79 12.85
N LEU B 236 9.09 7.03 13.29
CA LEU B 236 8.15 7.56 14.26
C LEU B 236 6.92 8.00 13.47
N VAL B 237 5.75 7.53 13.88
CA VAL B 237 4.50 7.89 13.21
C VAL B 237 3.71 8.71 14.19
N LEU B 238 3.74 10.03 14.00
CA LEU B 238 3.06 10.93 14.90
C LEU B 238 1.88 11.67 14.29
N GLN B 239 0.80 11.77 15.05
CA GLN B 239 -0.36 12.48 14.62
C GLN B 239 -0.62 13.47 15.73
N ALA B 240 -0.52 14.76 15.40
CA ALA B 240 -0.70 15.84 16.36
C ALA B 240 -2.05 16.52 16.25
N ASP B 241 -2.56 16.99 17.39
CA ASP B 241 -3.84 17.68 17.49
C ASP B 241 -4.96 16.76 17.03
N GLY B 242 -5.11 16.55 15.72
CA GLY B 242 -6.16 15.66 15.25
C GLY B 242 -5.75 15.11 13.91
N GLN B 243 -4.89 15.88 13.25
CA GLN B 243 -4.33 15.59 11.93
C GLN B 243 -3.91 14.15 11.67
N ASP B 244 -3.85 13.78 10.40
CA ASP B 244 -3.42 12.44 10.03
C ASP B 244 -1.98 12.33 10.50
N PRO B 245 -1.49 11.10 10.70
CA PRO B 245 -0.11 10.89 11.16
C PRO B 245 0.98 11.20 10.14
N GLU B 246 2.02 11.90 10.58
CA GLU B 246 3.16 12.22 9.73
C GLU B 246 4.28 11.24 10.09
N VAL B 247 5.15 10.94 9.12
CA VAL B 247 6.24 10.00 9.37
C VAL B 247 7.59 10.69 9.58
N PHE B 248 8.26 10.33 10.68
CA PHE B 248 9.58 10.88 11.02
C PHE B 248 10.57 9.75 11.29
N GLU B 249 11.65 9.71 10.52
CA GLU B 249 12.68 8.70 10.68
C GLU B 249 13.54 9.16 11.84
N ILE B 250 13.78 8.26 12.80
CA ILE B 250 14.58 8.62 13.97
C ILE B 250 16.07 8.76 13.64
N PRO B 251 16.68 9.89 14.04
CA PRO B 251 18.10 10.16 13.81
C PRO B 251 18.96 9.04 14.39
N PRO B 252 19.60 8.23 13.54
CA PRO B 252 20.45 7.12 13.95
C PRO B 252 21.40 7.36 15.12
N ASP B 253 21.93 8.58 15.25
CA ASP B 253 22.84 8.86 16.37
C ASP B 253 22.08 8.75 17.70
N LEU B 254 20.75 8.77 17.64
CA LEU B 254 19.93 8.68 18.84
C LEU B 254 19.59 7.26 19.30
N VAL B 255 19.67 6.29 18.39
CA VAL B 255 19.36 4.91 18.75
C VAL B 255 20.60 4.12 19.17
N LEU B 256 20.72 3.81 20.45
CA LEU B 256 21.84 3.03 20.97
C LEU B 256 21.51 1.54 20.89
N GLU B 257 22.42 0.77 20.31
CA GLU B 257 22.20 -0.67 20.20
C GLU B 257 23.32 -1.46 20.88
N VAL B 258 22.99 -2.67 21.33
CA VAL B 258 23.96 -3.54 21.96
C VAL B 258 24.11 -4.78 21.08
N THR B 259 25.34 -5.09 20.68
CA THR B 259 25.58 -6.26 19.82
C THR B 259 25.80 -7.50 20.69
N MET B 260 25.05 -8.55 20.39
CA MET B 260 25.10 -9.81 21.15
C MET B 260 26.30 -10.70 20.93
N GLU B 261 26.91 -11.11 22.04
CA GLU B 261 28.05 -12.01 21.99
C GLU B 261 28.08 -12.81 23.29
N HIS B 262 28.56 -14.05 23.23
CA HIS B 262 28.61 -14.91 24.40
C HIS B 262 29.98 -14.91 25.05
N PRO B 263 30.03 -14.87 26.39
CA PRO B 263 31.30 -14.86 27.13
C PRO B 263 32.19 -16.08 26.90
N LYS B 264 31.60 -17.19 26.42
CA LYS B 264 32.38 -18.41 26.17
C LYS B 264 32.28 -18.88 24.74
N TYR B 265 31.05 -18.90 24.21
CA TYR B 265 30.79 -19.36 22.85
C TYR B 265 31.08 -18.24 21.85
N GLU B 266 32.17 -18.37 21.11
CA GLU B 266 32.56 -17.34 20.15
C GLU B 266 31.70 -17.27 18.89
N TRP B 267 31.04 -18.38 18.57
CA TRP B 267 30.18 -18.41 17.40
C TRP B 267 28.90 -17.61 17.62
N PHE B 268 28.65 -17.21 18.86
CA PHE B 268 27.43 -16.46 19.14
C PHE B 268 27.41 -15.13 18.39
N GLN B 269 28.56 -14.46 18.35
CA GLN B 269 28.66 -13.19 17.65
C GLN B 269 28.31 -13.43 16.18
N GLU B 270 28.70 -14.60 15.67
CA GLU B 270 28.44 -14.98 14.29
C GLU B 270 26.96 -14.98 13.94
N LEU B 271 26.11 -15.02 14.95
CA LEU B 271 24.67 -15.01 14.74
C LEU B 271 24.23 -13.65 14.23
N GLY B 272 25.08 -12.65 14.41
CA GLY B 272 24.76 -11.31 13.95
C GLY B 272 23.53 -10.69 14.59
N LEU B 273 23.38 -10.94 15.89
CA LEU B 273 22.24 -10.42 16.64
C LEU B 273 22.60 -9.16 17.42
N LYS B 274 21.61 -8.31 17.62
CA LYS B 274 21.80 -7.10 18.40
C LYS B 274 20.41 -6.64 18.79
N TRP B 275 20.33 -5.73 19.76
CA TRP B 275 19.04 -5.20 20.16
C TRP B 275 19.23 -3.77 20.65
N TYR B 276 18.15 -2.99 20.62
CA TYR B 276 18.22 -1.61 21.09
C TYR B 276 18.22 -1.56 22.62
N ALA B 277 18.84 -0.52 23.16
CA ALA B 277 18.95 -0.35 24.59
C ALA B 277 17.78 0.32 25.27
N LEU B 278 16.95 1.03 24.50
CA LEU B 278 15.86 1.75 25.12
C LEU B 278 14.47 1.18 24.96
N PRO B 279 13.90 0.64 26.07
CA PRO B 279 12.56 0.08 26.02
C PRO B 279 11.64 1.22 26.45
N ALA B 280 10.89 1.77 25.50
CA ALA B 280 10.01 2.89 25.79
C ALA B 280 8.67 2.63 25.16
N VAL B 281 7.62 2.71 25.97
CA VAL B 281 6.27 2.49 25.48
C VAL B 281 5.75 3.79 24.87
N ALA B 282 5.20 3.68 23.67
CA ALA B 282 4.73 4.84 22.94
C ALA B 282 3.21 5.04 22.83
N ASN B 283 2.43 3.97 22.97
CA ASN B 283 0.99 4.06 22.78
C ASN B 283 -0.01 3.92 23.93
N MET B 284 0.42 4.08 25.18
CA MET B 284 -0.55 3.95 26.26
C MET B 284 -1.15 5.31 26.66
N LEU B 285 -2.20 5.28 27.47
CA LEU B 285 -2.88 6.50 27.89
C LEU B 285 -2.82 6.73 29.39
N LEU B 286 -2.46 7.95 29.77
CA LEU B 286 -2.40 8.29 31.18
C LEU B 286 -3.72 8.92 31.58
N GLU B 287 -4.38 8.33 32.59
CA GLU B 287 -5.63 8.84 33.09
C GLU B 287 -5.38 9.42 34.48
N VAL B 288 -5.83 10.65 34.69
CA VAL B 288 -5.67 11.29 35.98
C VAL B 288 -6.81 12.27 36.19
N GLY B 289 -7.41 12.19 37.37
CA GLY B 289 -8.51 13.07 37.74
C GLY B 289 -9.55 13.28 36.64
N GLY B 290 -9.93 12.23 35.95
CA GLY B 290 -10.95 12.38 34.94
C GLY B 290 -10.48 12.73 33.54
N LEU B 291 -9.40 13.50 33.45
CA LEU B 291 -8.89 13.85 32.12
C LEU B 291 -7.87 12.78 31.67
N GLU B 292 -7.77 12.59 30.36
CA GLU B 292 -6.88 11.59 29.81
C GLU B 292 -5.86 12.11 28.80
N PHE B 293 -4.68 11.50 28.80
CA PHE B 293 -3.59 11.87 27.88
C PHE B 293 -3.28 10.71 26.93
N PRO B 294 -3.85 10.75 25.72
CA PRO B 294 -3.63 9.70 24.72
C PRO B 294 -2.21 9.57 24.17
N ALA B 295 -1.33 10.49 24.56
CA ALA B 295 0.06 10.47 24.11
C ALA B 295 0.98 10.83 25.27
N CYS B 296 1.71 9.85 25.77
CA CYS B 296 2.60 10.09 26.89
C CYS B 296 3.64 8.95 26.98
N PRO B 297 4.55 8.91 26.01
CA PRO B 297 5.61 7.89 25.95
C PRO B 297 6.49 7.91 27.21
N PHE B 298 6.76 6.73 27.75
CA PHE B 298 7.59 6.61 28.94
C PHE B 298 8.51 5.40 28.77
N ASN B 299 9.59 5.36 29.56
CA ASN B 299 10.54 4.26 29.49
C ASN B 299 11.22 3.97 30.81
N GLY B 300 11.77 2.77 30.90
CA GLY B 300 12.52 2.33 32.07
C GLY B 300 13.70 1.65 31.41
N TRP B 301 14.24 0.58 31.99
CA TRP B 301 15.32 -0.11 31.32
C TRP B 301 14.96 -1.55 31.14
N TYR B 302 15.75 -2.27 30.35
CA TYR B 302 15.49 -3.66 30.05
C TYR B 302 15.76 -4.71 31.12
N MET B 303 15.00 -5.80 31.02
CA MET B 303 15.21 -6.97 31.86
C MET B 303 15.65 -8.02 30.82
N GLY B 304 16.84 -8.59 31.03
CA GLY B 304 17.39 -9.58 30.10
C GLY B 304 16.46 -10.58 29.41
N THR B 305 15.64 -11.25 30.21
CA THR B 305 14.73 -12.23 29.65
C THR B 305 13.84 -11.66 28.53
N GLU B 306 13.59 -10.36 28.56
CA GLU B 306 12.74 -9.70 27.55
C GLU B 306 13.31 -9.88 26.14
N ILE B 307 14.60 -9.57 26.02
CA ILE B 307 15.32 -9.68 24.78
C ILE B 307 15.68 -11.16 24.55
N GLY B 308 16.38 -11.75 25.52
CA GLY B 308 16.79 -13.14 25.35
C GLY B 308 15.72 -14.20 25.21
N VAL B 309 14.60 -14.05 25.93
CA VAL B 309 13.56 -15.06 25.90
C VAL B 309 12.45 -14.76 24.91
N ARG B 310 11.83 -13.59 25.04
CA ARG B 310 10.73 -13.21 24.15
C ARG B 310 11.16 -12.75 22.75
N ASP B 311 11.99 -11.72 22.69
CA ASP B 311 12.43 -11.20 21.40
C ASP B 311 13.19 -12.24 20.57
N PHE B 312 14.15 -12.92 21.20
CA PHE B 312 14.96 -13.92 20.49
C PHE B 312 14.41 -15.35 20.40
N CYS B 313 13.73 -15.82 21.44
CA CYS B 313 13.24 -17.19 21.41
C CYS B 313 11.81 -17.46 21.01
N ASP B 314 10.91 -16.49 21.21
CA ASP B 314 9.53 -16.70 20.81
C ASP B 314 9.52 -17.11 19.36
N THR B 315 8.65 -18.05 19.01
CA THR B 315 8.59 -18.53 17.63
C THR B 315 8.05 -17.49 16.65
N GLN B 316 7.23 -16.57 17.15
CA GLN B 316 6.64 -15.51 16.33
C GLN B 316 7.61 -14.34 16.15
N ARG B 317 8.69 -14.34 16.92
CA ARG B 317 9.69 -13.28 16.84
C ARG B 317 10.92 -13.74 16.06
N TYR B 318 12.11 -13.42 16.56
CA TYR B 318 13.35 -13.79 15.88
C TYR B 318 13.70 -15.27 15.91
N ASN B 319 12.88 -16.04 16.64
CA ASN B 319 12.97 -17.49 16.75
C ASN B 319 14.36 -18.14 16.49
N ILE B 320 15.34 -17.84 17.34
CA ILE B 320 16.70 -18.36 17.20
C ILE B 320 17.03 -19.54 18.12
N LEU B 321 16.01 -20.12 18.76
CA LEU B 321 16.25 -21.20 19.72
C LEU B 321 16.82 -22.50 19.15
N GLU B 322 16.23 -23.03 18.09
CA GLU B 322 16.77 -24.26 17.54
C GLU B 322 18.19 -24.04 17.00
N GLU B 323 18.40 -22.89 16.39
CA GLU B 323 19.71 -22.54 15.85
C GLU B 323 20.77 -22.58 16.94
N VAL B 324 20.51 -21.93 18.07
CA VAL B 324 21.48 -21.91 19.17
C VAL B 324 21.76 -23.31 19.71
N GLY B 325 20.69 -24.07 19.95
CA GLY B 325 20.85 -25.42 20.46
C GLY B 325 21.73 -26.28 19.59
N ARG B 326 21.58 -26.15 18.27
CA ARG B 326 22.37 -26.92 17.31
C ARG B 326 23.85 -26.63 17.42
N ARG B 327 24.21 -25.36 17.54
CA ARG B 327 25.60 -24.97 17.63
C ARG B 327 26.15 -25.28 19.01
N MET B 328 25.27 -25.79 19.88
CA MET B 328 25.67 -26.18 21.22
C MET B 328 25.81 -27.70 21.22
N GLY B 329 25.39 -28.32 20.12
CA GLY B 329 25.48 -29.75 19.97
C GLY B 329 24.42 -30.55 20.70
N LEU B 330 23.42 -29.86 21.25
CA LEU B 330 22.36 -30.52 22.00
C LEU B 330 21.46 -31.39 21.12
N GLU B 331 20.64 -32.22 21.75
CA GLU B 331 19.72 -33.12 21.03
C GLU B 331 18.45 -32.38 20.61
N THR B 332 18.63 -31.45 19.68
CA THR B 332 17.55 -30.62 19.15
C THR B 332 16.31 -31.38 18.64
N HIS B 333 16.40 -32.70 18.55
CA HIS B 333 15.26 -33.46 18.07
C HIS B 333 14.61 -34.33 19.14
N THR B 334 15.03 -34.12 20.38
CA THR B 334 14.48 -34.86 21.51
C THR B 334 14.03 -33.86 22.57
N LEU B 335 12.76 -33.50 22.55
CA LEU B 335 12.21 -32.54 23.51
C LEU B 335 12.58 -32.80 24.96
N ALA B 336 12.48 -34.07 25.36
CA ALA B 336 12.76 -34.46 26.73
C ALA B 336 14.20 -34.22 27.18
N SER B 337 15.11 -34.03 26.22
CA SER B 337 16.51 -33.80 26.55
C SER B 337 16.70 -32.51 27.34
N LEU B 338 15.68 -31.64 27.25
CA LEU B 338 15.68 -30.33 27.90
C LEU B 338 16.67 -29.35 27.25
N TRP B 339 16.97 -29.58 25.97
CA TRP B 339 17.90 -28.74 25.23
C TRP B 339 17.47 -27.29 25.13
N LYS B 340 16.16 -27.07 25.14
CA LYS B 340 15.63 -25.71 25.06
C LYS B 340 15.98 -24.92 26.32
N ASP B 341 15.91 -25.59 27.47
CA ASP B 341 16.21 -24.92 28.75
C ASP B 341 17.68 -24.54 28.74
N ARG B 342 18.47 -25.47 28.23
CA ARG B 342 19.89 -25.29 28.14
C ARG B 342 20.24 -24.10 27.20
N ALA B 343 19.63 -24.10 26.01
CA ALA B 343 19.86 -23.05 25.02
C ALA B 343 19.49 -21.67 25.56
N VAL B 344 18.22 -21.51 25.91
CA VAL B 344 17.73 -20.25 26.41
C VAL B 344 18.60 -19.67 27.53
N THR B 345 19.13 -20.52 28.40
CA THR B 345 19.98 -20.02 29.48
C THR B 345 21.22 -19.33 28.90
N GLU B 346 21.89 -19.97 27.93
CA GLU B 346 23.07 -19.39 27.31
C GLU B 346 22.75 -18.07 26.60
N ILE B 347 21.59 -18.03 25.94
CA ILE B 347 21.15 -16.82 25.26
C ILE B 347 20.95 -15.72 26.30
N ASN B 348 20.34 -16.09 27.43
CA ASN B 348 20.10 -15.13 28.50
C ASN B 348 21.42 -14.56 29.02
N VAL B 349 22.42 -15.40 29.26
CA VAL B 349 23.66 -14.83 29.76
C VAL B 349 24.32 -13.98 28.65
N ALA B 350 24.15 -14.39 27.39
CA ALA B 350 24.70 -13.62 26.28
C ALA B 350 24.20 -12.18 26.34
N VAL B 351 22.88 -12.03 26.37
CA VAL B 351 22.24 -10.71 26.44
C VAL B 351 22.82 -9.95 27.63
N LEU B 352 22.75 -10.57 28.80
CA LEU B 352 23.28 -9.94 30.02
C LEU B 352 24.74 -9.55 29.86
N HIS B 353 25.55 -10.49 29.39
CA HIS B 353 26.95 -10.24 29.19
C HIS B 353 27.24 -9.10 28.23
N SER B 354 26.49 -9.03 27.13
CA SER B 354 26.68 -8.01 26.13
C SER B 354 26.32 -6.61 26.63
N PHE B 355 25.22 -6.47 27.37
CA PHE B 355 24.84 -5.15 27.88
C PHE B 355 25.87 -4.68 28.90
N GLN B 356 26.38 -5.61 29.69
CA GLN B 356 27.39 -5.26 30.69
C GLN B 356 28.67 -4.76 30.03
N LYS B 357 29.17 -5.56 29.11
CA LYS B 357 30.40 -5.26 28.40
C LYS B 357 30.36 -3.89 27.73
N GLN B 358 29.18 -3.51 27.22
CA GLN B 358 29.03 -2.24 26.54
C GLN B 358 28.50 -1.14 27.42
N ASN B 359 28.51 -1.38 28.73
CA ASN B 359 28.04 -0.42 29.73
C ASN B 359 26.64 0.13 29.57
N VAL B 360 25.71 -0.74 29.20
CA VAL B 360 24.32 -0.34 29.02
C VAL B 360 23.51 -0.96 30.16
N THR B 361 22.69 -0.15 30.80
CA THR B 361 21.88 -0.62 31.92
C THR B 361 20.97 -1.78 31.57
N ILE B 362 20.96 -2.79 32.44
CA ILE B 362 20.11 -3.94 32.26
C ILE B 362 20.08 -4.69 33.59
N MET B 363 19.03 -5.49 33.80
CA MET B 363 18.89 -6.24 35.04
C MET B 363 18.45 -7.66 34.73
N ASP B 364 18.97 -8.60 35.50
CA ASP B 364 18.60 -10.01 35.33
C ASP B 364 17.23 -10.21 36.01
N HIS B 365 16.50 -11.24 35.62
CA HIS B 365 15.19 -11.45 36.21
C HIS B 365 15.17 -11.82 37.70
N HIS B 366 16.27 -12.41 38.19
CA HIS B 366 16.35 -12.79 39.59
C HIS B 366 16.39 -11.54 40.46
N THR B 367 17.33 -10.64 40.15
CA THR B 367 17.49 -9.40 40.89
C THR B 367 16.19 -8.62 40.79
N ALA B 368 15.57 -8.64 39.61
CA ALA B 368 14.32 -7.92 39.38
C ALA B 368 13.25 -8.36 40.36
N SER B 369 13.05 -9.67 40.45
CA SER B 369 12.05 -10.25 41.32
C SER B 369 12.27 -9.85 42.77
N GLU B 370 13.52 -9.91 43.22
CA GLU B 370 13.85 -9.57 44.58
C GLU B 370 13.49 -8.13 44.90
N SER B 371 13.83 -7.20 43.99
CA SER B 371 13.53 -5.80 44.26
C SER B 371 12.02 -5.57 44.29
N PHE B 372 11.29 -6.29 43.46
CA PHE B 372 9.85 -6.12 43.45
C PHE B 372 9.24 -6.55 44.78
N MET B 373 9.78 -7.65 45.33
CA MET B 373 9.29 -8.15 46.60
C MET B 373 9.56 -7.06 47.62
N LYS B 374 10.78 -6.52 47.59
CA LYS B 374 11.14 -5.47 48.52
C LYS B 374 10.18 -4.29 48.34
N HIS B 375 9.85 -3.98 47.09
CA HIS B 375 8.96 -2.87 46.80
C HIS B 375 7.55 -3.16 47.28
N MET B 376 7.08 -4.38 47.07
CA MET B 376 5.75 -4.78 47.47
C MET B 376 5.58 -4.71 48.98
N GLN B 377 6.63 -5.09 49.69
CA GLN B 377 6.63 -5.06 51.14
C GLN B 377 6.58 -3.62 51.62
N ASN B 378 7.37 -2.75 50.99
CA ASN B 378 7.38 -1.34 51.37
C ASN B 378 5.98 -0.78 51.11
N GLU B 379 5.44 -1.12 49.96
CA GLU B 379 4.14 -0.65 49.54
C GLU B 379 2.96 -1.03 50.45
N TYR B 380 3.04 -2.19 51.09
CA TYR B 380 1.96 -2.59 51.99
C TYR B 380 2.06 -1.79 53.28
N ARG B 381 3.28 -1.52 53.71
CA ARG B 381 3.52 -0.74 54.92
C ARG B 381 3.09 0.71 54.64
N ALA B 382 3.49 1.22 53.48
CA ALA B 382 3.20 2.59 53.06
C ALA B 382 1.72 2.88 52.91
N ARG B 383 1.04 2.14 52.05
CA ARG B 383 -0.39 2.38 51.85
C ARG B 383 -1.25 1.12 51.85
N GLY B 384 -0.76 0.09 52.54
CA GLY B 384 -1.47 -1.15 52.68
C GLY B 384 -2.01 -1.77 51.40
N GLY B 385 -1.14 -1.91 50.41
CA GLY B 385 -1.55 -2.51 49.16
C GLY B 385 -0.54 -2.29 48.05
N CYS B 386 -0.71 -3.04 46.98
CA CYS B 386 0.15 -2.93 45.82
C CYS B 386 -0.45 -3.81 44.73
N PRO B 387 -1.20 -3.20 43.81
CA PRO B 387 -1.83 -3.94 42.72
C PRO B 387 -0.76 -4.63 41.88
N ALA B 388 -0.84 -5.95 41.80
CA ALA B 388 0.13 -6.74 41.08
C ALA B 388 -0.52 -7.82 40.25
N ASP B 389 -0.14 -7.89 38.98
CA ASP B 389 -0.65 -8.89 38.06
C ASP B 389 0.41 -10.00 38.04
N TRP B 390 0.17 -11.05 38.81
CA TRP B 390 1.08 -12.19 38.91
C TRP B 390 1.58 -12.68 37.55
N ILE B 391 0.64 -12.99 36.65
CA ILE B 391 0.97 -13.49 35.32
C ILE B 391 2.03 -12.68 34.61
N TRP B 392 2.10 -11.39 34.89
CA TRP B 392 3.09 -10.53 34.24
C TRP B 392 4.38 -10.32 35.04
N LEU B 393 4.30 -10.48 36.36
CA LEU B 393 5.45 -10.26 37.21
C LEU B 393 6.35 -11.48 37.36
N VAL B 394 5.80 -12.67 37.12
CA VAL B 394 6.62 -13.86 37.18
C VAL B 394 7.39 -13.90 35.86
N PRO B 395 8.72 -14.07 35.93
CA PRO B 395 9.55 -14.12 34.72
C PRO B 395 9.12 -15.22 33.76
N PRO B 396 9.30 -14.98 32.44
CA PRO B 396 8.92 -15.98 31.43
C PRO B 396 9.78 -17.23 31.52
N VAL B 397 10.68 -17.26 32.48
CA VAL B 397 11.56 -18.40 32.66
C VAL B 397 12.01 -18.49 34.11
N SER B 398 12.18 -19.72 34.61
CA SER B 398 12.62 -19.96 35.98
C SER B 398 11.69 -19.34 37.01
N GLY B 399 10.39 -19.41 36.72
CA GLY B 399 9.37 -18.85 37.59
C GLY B 399 9.46 -19.15 39.09
N SER B 400 9.24 -20.40 39.47
CA SER B 400 9.29 -20.75 40.90
C SER B 400 10.66 -20.56 41.54
N ILE B 401 11.69 -20.35 40.71
CA ILE B 401 13.03 -20.13 41.25
C ILE B 401 13.10 -18.65 41.67
N THR B 402 11.97 -17.99 41.54
CA THR B 402 11.83 -16.58 41.85
C THR B 402 10.86 -16.36 43.01
N PRO B 403 11.13 -15.34 43.86
CA PRO B 403 10.27 -15.04 45.01
C PRO B 403 8.82 -14.73 44.63
N VAL B 404 8.63 -13.75 43.75
CA VAL B 404 7.30 -13.34 43.33
C VAL B 404 6.38 -14.48 42.95
N PHE B 405 6.94 -15.61 42.54
CA PHE B 405 6.15 -16.76 42.14
C PHE B 405 5.30 -17.35 43.26
N HIS B 406 5.84 -17.34 44.48
CA HIS B 406 5.17 -17.90 45.65
C HIS B 406 4.40 -16.82 46.40
N GLN B 407 4.21 -15.68 45.75
CA GLN B 407 3.51 -14.55 46.34
C GLN B 407 2.11 -14.30 45.81
N GLU B 408 1.09 -14.49 46.66
CA GLU B 408 -0.29 -14.25 46.24
C GLU B 408 -0.41 -12.75 46.07
N MET B 409 -1.20 -12.31 45.10
CA MET B 409 -1.36 -10.88 44.87
C MET B 409 -2.69 -10.48 44.22
N LEU B 410 -3.16 -9.30 44.61
CA LEU B 410 -4.41 -8.74 44.14
C LEU B 410 -4.17 -7.77 43.00
N ASN B 411 -4.78 -8.03 41.85
CA ASN B 411 -4.64 -7.16 40.70
C ASN B 411 -5.91 -6.32 40.49
N TYR B 412 -5.78 -5.00 40.66
CA TYR B 412 -6.90 -4.07 40.50
C TYR B 412 -6.45 -2.74 39.92
N VAL B 413 -7.37 -2.04 39.28
CA VAL B 413 -7.10 -0.74 38.67
C VAL B 413 -7.34 0.43 39.62
N LEU B 414 -6.33 1.27 39.80
CA LEU B 414 -6.45 2.44 40.64
C LEU B 414 -6.39 3.65 39.72
N SER B 415 -6.17 4.82 40.30
CA SER B 415 -6.08 6.04 39.51
C SER B 415 -5.20 7.04 40.26
N PRO B 416 -4.31 7.74 39.54
CA PRO B 416 -4.08 7.66 38.09
C PRO B 416 -3.63 6.28 37.59
N PHE B 417 -3.72 6.09 36.28
CA PHE B 417 -3.42 4.79 35.68
C PHE B 417 -2.98 4.86 34.20
N TYR B 418 -2.20 3.88 33.75
CA TYR B 418 -1.76 3.82 32.36
C TYR B 418 -2.61 2.76 31.64
N TYR B 419 -3.51 3.23 30.78
CA TYR B 419 -4.39 2.34 30.04
C TYR B 419 -3.88 1.97 28.67
N TYR B 420 -4.49 0.93 28.11
CA TYR B 420 -4.19 0.49 26.76
C TYR B 420 -5.21 1.29 25.96
N GLN B 421 -5.07 1.32 24.64
CA GLN B 421 -6.06 2.01 23.85
C GLN B 421 -6.16 1.38 22.47
N ILE B 422 -7.29 1.61 21.82
CA ILE B 422 -7.54 1.04 20.51
C ILE B 422 -6.56 1.57 19.48
N GLU B 423 -6.04 0.69 18.65
CA GLU B 423 -5.08 1.09 17.61
C GLU B 423 -5.66 2.22 16.75
N PRO B 424 -4.97 3.37 16.71
CA PRO B 424 -5.41 4.53 15.94
C PRO B 424 -5.78 4.27 14.48
N TRP B 425 -5.05 3.41 13.78
CA TRP B 425 -5.37 3.15 12.38
C TRP B 425 -6.76 2.52 12.24
N LYS B 426 -7.26 1.94 13.32
CA LYS B 426 -8.59 1.34 13.29
C LYS B 426 -9.65 2.39 13.62
N THR B 427 -9.27 3.37 14.43
CA THR B 427 -10.18 4.43 14.84
C THR B 427 -9.64 5.80 14.44
N HIS B 428 -9.70 6.11 13.16
CA HIS B 428 -9.19 7.40 12.69
C HIS B 428 -9.88 7.87 11.41
N ILE B 429 -10.23 9.16 11.40
CA ILE B 429 -10.90 9.80 10.26
C ILE B 429 -9.86 10.54 9.42
N TRP B 430 -9.57 10.02 8.23
CA TRP B 430 -8.57 10.63 7.35
C TRP B 430 -8.98 11.89 6.56
N GLN B 431 -8.12 12.29 5.64
CA GLN B 431 -8.33 13.48 4.81
C GLN B 431 -9.08 13.20 3.50
S SO4 C . -18.17 8.82 -43.98
O1 SO4 C . -17.33 9.58 -44.94
O2 SO4 C . -17.69 9.01 -42.60
O3 SO4 C . -19.56 9.31 -44.08
O4 SO4 C . -18.13 7.39 -44.34
CHA HEM D . -3.18 1.46 -32.69
CHB HEM D . -2.25 -2.66 -35.06
CHC HEM D . -6.88 -3.84 -35.02
CHD HEM D . -7.91 0.39 -32.83
C1A HEM D . -2.46 0.36 -33.24
C2A HEM D . -0.96 0.19 -33.28
C3A HEM D . -0.74 -0.96 -33.99
C4A HEM D . -2.06 -1.50 -34.34
CMA HEM D . 0.62 -1.52 -34.36
CAA HEM D . 0.16 1.00 -32.63
CBA HEM D . -0.01 1.03 -31.13
CGA HEM D . 1.14 1.71 -30.41
O1A HEM D . 1.04 1.90 -29.18
O2A HEM D . 2.14 2.06 -31.08
C1B HEM D . -3.40 -3.28 -35.41
C2B HEM D . -3.48 -4.55 -36.10
C3B HEM D . -4.78 -4.92 -36.11
C4B HEM D . -5.51 -3.86 -35.40
CMB HEM D . -2.30 -5.35 -36.63
CAB HEM D . -5.16 -6.14 -36.66
CBB HEM D . -6.42 -6.63 -36.99
C1C HEM D . -7.58 -2.81 -34.34
C2C HEM D . -8.97 -2.89 -33.89
C3C HEM D . -9.29 -1.66 -33.33
C4C HEM D . -8.07 -0.88 -33.43
CMC HEM D . -9.87 -4.12 -34.06
CAC HEM D . -10.50 -1.23 -32.74
CBC HEM D . -11.79 -1.63 -33.09
C1D HEM D . -6.73 1.15 -32.67
C2D HEM D . -6.63 2.40 -31.92
C3D HEM D . -5.32 2.71 -31.88
C4D HEM D . -4.59 1.64 -32.64
CMD HEM D . -7.71 3.24 -31.25
CAD HEM D . -4.73 3.86 -31.07
CBD HEM D . -4.26 3.30 -29.73
CGD HEM D . -3.52 4.33 -28.91
O1D HEM D . -2.91 3.96 -27.89
O2D HEM D . -3.55 5.52 -29.30
NA HEM D . -3.09 -0.69 -33.86
NB HEM D . -4.63 -2.84 -35.02
NC HEM D . -7.05 -1.58 -34.04
ND HEM D . -5.49 0.72 -33.11
FE HEM D . -5.07 -0.95 -34.25
N1 HBI E . 4.15 5.80 -32.29
N2 HBI E . 3.07 3.84 -32.78
C2 HBI E . 3.53 4.69 -31.87
N3 HBI E . 3.36 4.41 -30.57
C4 HBI E . 3.82 5.26 -29.65
O4 HBI E . 3.57 5.13 -28.45
C4A HBI E . 4.61 6.36 -30.04
C8A HBI E . 4.61 6.68 -31.40
N8 HBI E . 5.07 7.86 -31.81
C7 HBI E . 6.07 8.45 -31.07
C6 HBI E . 6.21 8.10 -29.65
N5 HBI E . 5.34 7.04 -29.17
C9 HBI E . 6.42 9.19 -28.60
O9 HBI E . 7.33 8.72 -27.60
C10 HBI E . 6.92 10.54 -29.17
O10 HBI E . 5.87 11.15 -29.93
C11 HBI E . 7.33 11.48 -28.05
C1 B14 F . -4.43 -1.28 -30.43
C2 B14 F . -5.43 -1.95 -31.12
C3 B14 F . -5.17 -3.20 -31.72
C4 B14 F . -3.88 -3.77 -31.68
C4A B14 F . -2.83 -3.05 -31.01
C5 B14 F . -1.49 -3.51 -30.90
N6 B14 F . -0.73 -3.05 -29.87
C7 B14 F . -1.19 -2.10 -28.84
N8 B14 F . -2.14 -1.25 -29.58
C8A B14 F . -3.12 -1.82 -30.33
F9 B14 F . -3.66 -4.91 -32.24
F10 B14 F . -4.68 -0.14 -29.86
C11 B14 F . -1.91 -2.88 -27.69
C12 B14 F . -0.89 -3.72 -26.93
N13 B14 F . 0.10 -2.77 -26.34
C14 B14 F . 0.91 -2.37 -27.52
C15 B14 F . 0.05 -1.34 -28.29
C16 B14 F . 0.75 -3.19 -25.18
O17 B14 F . 0.51 -4.30 -24.67
N18 B14 F . -0.95 -4.33 -31.77
C19 B14 F . 1.71 -2.33 -24.53
C20 B14 F . 2.85 -2.88 -23.86
N21 B14 F . 3.76 -1.98 -23.27
C22 B14 F . 3.55 -0.59 -23.32
C23 B14 F . 2.45 -0.05 -23.96
C24 B14 F . 1.51 -0.92 -24.57
C25 B14 F . 4.46 0.23 -22.73
N26 B14 F . 5.35 1.04 -22.19
CHA HEM G . 5.74 -3.09 32.23
CHB HEM G . 10.39 -2.99 33.56
CHC HEM G . 10.07 1.71 34.49
CHD HEM G . 5.39 1.58 33.32
C1A HEM G . 7.08 -3.47 32.38
C2A HEM G . 7.65 -4.76 31.98
C3A HEM G . 8.95 -4.73 32.42
C4A HEM G . 9.18 -3.42 33.04
CMA HEM G . 9.92 -5.90 32.37
CAA HEM G . 6.99 -5.90 31.21
CBA HEM G . 6.73 -5.54 29.76
CGA HEM G . 6.02 -6.63 28.96
O1A HEM G . 5.59 -6.36 27.81
O2A HEM G . 5.89 -7.76 29.49
C1B HEM G . 10.71 -1.74 34.04
C2B HEM G . 12.03 -1.36 34.58
C3B HEM G . 12.00 -0.02 34.84
C4B HEM G . 10.61 0.41 34.46
CMB HEM G . 13.23 -2.30 34.82
CAB HEM G . 13.12 0.68 35.31
CBB HEM G . 13.21 1.90 35.98
C1C HEM G . 8.78 2.14 34.21
C2C HEM G . 8.33 3.54 34.08
C3C HEM G . 6.97 3.47 33.79
C4C HEM G . 6.63 2.06 33.72
CMC HEM G . 9.19 4.80 34.15
CAC HEM G . 6.03 4.50 33.63
CBC HEM G . 6.18 5.78 34.09
C1D HEM G . 4.99 0.28 33.04
C2D HEM G . 3.68 -0.12 32.51
C3D HEM G . 3.79 -1.42 32.22
C4D HEM G . 5.15 -1.84 32.57
CMD HEM G . 2.44 0.71 32.20
CAD HEM G . 2.73 -2.21 31.50
CBD HEM G . 2.98 -2.23 30.00
CGD HEM G . 2.04 -3.18 29.25
O1D HEM G . 2.29 -3.45 28.06
O2D HEM G . 1.04 -3.65 29.87
NA HEM G . 8.04 -2.65 32.99
NB HEM G . 9.86 -0.68 34.01
NC HEM G . 7.74 1.27 33.96
ND HEM G . 5.85 -0.79 33.09
FE HEM G . 7.79 -0.79 33.82
N1 HBI H . 3.53 -11.57 31.01
N2 HBI H . 5.19 -10.13 31.63
C2 HBI H . 4.36 -10.57 30.70
N3 HBI H . 4.38 -10.02 29.49
C4 HBI H . 3.57 -10.47 28.53
O4 HBI H . 3.44 -9.90 27.44
C4A HBI H . 2.85 -11.65 28.74
C8A HBI H . 2.81 -12.16 30.06
N8 HBI H . 2.06 -13.23 30.34
C7 HBI H . 1.65 -14.07 29.33
C6 HBI H . 1.75 -13.62 27.94
N5 HBI H . 2.23 -12.28 27.74
C9 HBI H . 0.72 -14.01 26.87
O9 HBI H . 1.41 -14.55 25.73
C10 HBI H . -0.39 -14.98 27.30
O10 HBI H . -1.15 -14.39 28.37
C11 HBI H . -1.33 -15.28 26.13
C1 B14 I . 7.28 -0.63 29.89
C2 B14 I . 7.73 0.40 30.69
C3 B14 I . 9.09 0.48 31.06
C4 B14 I . 9.99 -0.49 30.64
C4A B14 I . 9.53 -1.58 29.84
C5 B14 I . 10.35 -2.64 29.35
N6 B14 I . 9.95 -3.31 28.25
C7 B14 I . 8.70 -3.03 27.49
N8 B14 I . 7.78 -2.60 28.58
C8A B14 I . 8.16 -1.63 29.42
F9 B14 I . 11.23 -0.36 30.98
F10 B14 I . 6.04 -0.70 29.54
C11 B14 I . 8.91 -1.86 26.47
C12 B14 I . 9.83 -2.34 25.34
N13 B14 I . 9.13 -3.47 24.67
C14 B14 I . 9.31 -4.59 25.65
C15 B14 I . 8.27 -4.34 26.76
C16 B14 I . 9.44 -3.69 23.32
O17 B14 I . 10.25 -2.96 22.72
N18 B14 I . 11.46 -3.01 29.93
C19 B14 I . 8.80 -4.76 22.61
C20 B14 I . 9.50 -5.53 21.61
N21 B14 I . 8.82 -6.59 21.00
C22 B14 I . 7.50 -6.90 21.33
C23 B14 I . 6.82 -6.16 22.28
C24 B14 I . 7.46 -5.09 22.92
C25 B14 I . 6.88 -7.94 20.71
N26 B14 I . 6.24 -8.96 20.13
#